data_5F0L
#
_entry.id   5F0L
#
_cell.length_a   371.370
_cell.length_b   75.210
_cell.length_c   57.450
_cell.angle_alpha   90.000
_cell.angle_beta   98.560
_cell.angle_gamma   90.000
#
_symmetry.space_group_name_H-M   'C 1 2 1'
#
loop_
_entity.id
_entity.type
_entity.pdbx_description
1 polymer 'Vacuolar protein sorting-associated protein 35'
2 polymer 'Vacuolar protein sorting-associated protein 26A'
3 polymer 'Sorting nexin-3'
4 polymer 'Natural resistance-associated macrophage protein 2'
5 non-polymer 'SULFATE ION'
6 non-polymer GLYCEROL
7 non-polymer 1,2-ETHANEDIOL
#
loop_
_entity_poly.entity_id
_entity_poly.type
_entity_poly.pdbx_seq_one_letter_code
_entity_poly.pdbx_strand_id
1 'polypeptide(L)'
;GAMGSKLLDEAIQAVKVQSFQMKRCLDKNKLMDALKHASNMLGELRTSMLSPKSYYELYMAISDELHYLEVYLTDEFAKG
RKVADLYELVQYAGNIIPRLYLLITVGVVYVKSFPQSRKDILKDLVEMCRGVQHPLRGLFLRNYLLQCTRNILPDEGEPT
DEETTGDISDSMDFVLLNFAEMNKLWVRMQHQGHSRDREKRERERQELRILVGTNLVRLSQLEGVNVERYKQIVLTGILE
QVVNCRDALAQEYLMECIIQVFPDEFHLQTLNPFLRACAELHQNVNVKNIIIALIDRLALFAHREDGPGIPADIKLFDIF
SQQVATVIQSRQDMPSEDVVSLQVSLINLAMKCYPDRVDYVDKVLETTVEIFNKLNLEHIATSSAVSKELTRLLKIPVDT
YNNILTVLKLKHFHPLFEYFDYESRKSMSCYVLSNVLDYNTEIVSQDQVDSIMNLVSTLIQD
;
A
2 'polypeptide(L)'
;MSFLGGFFGPICEIDIVLNDGETRKMAEMKTEDGKVEKHYLFYDGESVSGKVNLAFKQPGKRLEHQGIRIEFVGQIELFN
DKSNTHEFVNLVKELALPGELTQSRSYDFEFMQVEKPYESYIGANVRLRYFLKVTIVRRLTDLVKEYDLIVHQLATYPDV
NNSIKMEVGIEDCLHIEFEYNKSKYHLKDVIVGKIYFLLVRIKIQHMELQLIKKEITGIGPSTTTETETIAKYEIMDGAP
VKGESIPIRLFLAGYDPTPTMRDVNKKFSVRYFLNLVLVDEEDRRYFKQQEIILWRKAPEKLRKQRTNFHQRFESPE
;
B
3 'polypeptide(L)'
;GAMGSMAETVADTRRLITKPQNLNDAYGPPSNFLEIDVSNPQTVGVGRGRFTTYEIRVKTNLPIFKLKESTVRRRYSDFE
WLRSELERESKVVVPPLPGKAFLRQLPFRGDDGIFDDNFIEERKQGLEQFINKVAGHPLAQNERCLHMFLQDEIIDKSYT
PSKIRHA
;
C
4 'polypeptide(L)' HLGLTAQPELYLLNTMDADSLVSR D
#
# COMPACT_ATOMS: atom_id res chain seq x y z
N GLY A 4 2.78 14.31 22.64
CA GLY A 4 1.65 15.28 22.72
C GLY A 4 0.29 14.61 22.78
N SER A 5 0.04 13.68 21.84
CA SER A 5 -1.25 12.99 21.70
C SER A 5 -2.43 13.89 21.30
N LYS A 6 -2.12 15.13 20.89
CA LYS A 6 -3.12 16.08 20.42
C LYS A 6 -3.55 15.63 19.05
N LEU A 7 -2.54 15.32 18.22
CA LEU A 7 -2.68 14.83 16.84
C LEU A 7 -3.91 13.94 16.66
N LEU A 8 -4.07 12.98 17.56
CA LEU A 8 -5.22 12.08 17.54
C LEU A 8 -6.55 12.84 17.66
N ASP A 9 -6.67 13.69 18.68
CA ASP A 9 -7.91 14.42 18.93
C ASP A 9 -8.18 15.46 17.83
N GLU A 10 -7.14 16.19 17.44
CA GLU A 10 -7.20 17.12 16.30
C GLU A 10 -7.75 16.43 15.04
N ALA A 11 -7.29 15.20 14.81
CA ALA A 11 -7.76 14.39 13.68
C ALA A 11 -9.22 13.97 13.86
N ILE A 12 -9.57 13.46 15.04
CA ILE A 12 -10.94 13.02 15.30
C ILE A 12 -11.89 14.21 15.27
N GLN A 13 -11.41 15.37 15.72
CA GLN A 13 -12.16 16.64 15.59
C GLN A 13 -12.50 16.86 14.13
N ALA A 14 -11.47 16.88 13.28
CA ALA A 14 -11.62 17.09 11.83
C ALA A 14 -12.51 16.04 11.16
N VAL A 15 -12.42 14.81 11.63
CA VAL A 15 -13.28 13.72 11.15
C VAL A 15 -14.74 14.00 11.45
N LYS A 16 -15.02 14.48 12.66
CA LYS A 16 -16.39 14.77 13.07
C LYS A 16 -16.95 15.98 12.32
N VAL A 17 -16.07 16.93 11.99
CA VAL A 17 -16.43 18.10 11.17
C VAL A 17 -16.86 17.65 9.76
N GLN A 18 -15.99 16.88 9.09
CA GLN A 18 -16.23 16.50 7.70
C GLN A 18 -17.35 15.48 7.55
N SER A 19 -17.52 14.59 8.54
CA SER A 19 -18.63 13.64 8.55
C SER A 19 -19.98 14.30 8.85
N PHE A 20 -19.97 15.45 9.52
CA PHE A 20 -21.19 16.26 9.71
C PHE A 20 -21.64 16.88 8.39
N GLN A 21 -20.70 17.53 7.69
CA GLN A 21 -20.97 18.07 6.35
C GLN A 21 -21.24 16.98 5.30
N MET A 22 -20.74 15.76 5.53
CA MET A 22 -21.01 14.62 4.65
C MET A 22 -22.49 14.24 4.71
N LYS A 23 -22.98 13.96 5.92
CA LYS A 23 -24.38 13.56 6.12
C LYS A 23 -25.36 14.67 5.74
N ARG A 24 -24.98 15.93 6.02
CA ARG A 24 -25.70 17.11 5.54
C ARG A 24 -25.99 17.06 4.04
N CYS A 25 -24.98 16.72 3.24
CA CYS A 25 -25.14 16.59 1.80
C CYS A 25 -25.94 15.34 1.40
N LEU A 26 -25.79 14.26 2.18
CA LEU A 26 -26.59 13.04 2.01
C LEU A 26 -28.08 13.24 2.32
N ASP A 27 -28.40 14.23 3.15
CA ASP A 27 -29.79 14.65 3.37
C ASP A 27 -30.33 15.40 2.16
N LYS A 28 -29.52 16.31 1.59
CA LYS A 28 -29.88 17.06 0.38
C LYS A 28 -29.78 16.27 -0.94
N ASN A 29 -29.25 15.04 -0.90
CA ASN A 29 -28.95 14.21 -2.08
C ASN A 29 -27.88 14.79 -3.03
N LYS A 30 -26.93 15.52 -2.44
CA LYS A 30 -25.78 16.07 -3.15
C LYS A 30 -24.61 15.10 -2.98
N LEU A 31 -24.65 14.00 -3.74
CA LEU A 31 -23.74 12.87 -3.55
C LEU A 31 -22.28 13.23 -3.81
N MET A 32 -21.98 13.91 -4.92
CA MET A 32 -20.60 14.26 -5.26
C MET A 32 -20.00 15.26 -4.26
N ASP A 33 -20.85 16.08 -3.65
CA ASP A 33 -20.45 16.95 -2.54
C ASP A 33 -20.22 16.15 -1.25
N ALA A 34 -21.02 15.11 -1.04
CA ALA A 34 -20.84 14.18 0.10
C ALA A 34 -19.51 13.43 0.04
N LEU A 35 -19.22 12.87 -1.14
CA LEU A 35 -17.99 12.12 -1.37
C LEU A 35 -16.74 12.99 -1.28
N LYS A 36 -16.86 14.27 -1.63
CA LYS A 36 -15.75 15.22 -1.48
C LYS A 36 -15.38 15.44 -0.01
N HIS A 37 -16.37 15.38 0.89
CA HIS A 37 -16.13 15.45 2.34
C HIS A 37 -15.70 14.10 2.91
N ALA A 38 -16.30 13.02 2.42
CA ALA A 38 -15.88 11.66 2.77
C ALA A 38 -14.41 11.45 2.43
N SER A 39 -13.99 11.97 1.29
CA SER A 39 -12.58 11.98 0.89
C SER A 39 -11.71 12.79 1.86
N ASN A 40 -12.18 13.97 2.22
CA ASN A 40 -11.46 14.82 3.18
C ASN A 40 -11.29 14.12 4.52
N MET A 41 -12.37 13.51 5.00
CA MET A 41 -12.36 12.71 6.24
C MET A 41 -11.30 11.63 6.16
N LEU A 42 -11.37 10.82 5.10
CA LEU A 42 -10.41 9.73 4.85
C LEU A 42 -8.97 10.22 4.75
N GLY A 43 -8.78 11.44 4.27
CA GLY A 43 -7.49 12.12 4.32
C GLY A 43 -6.73 11.91 5.62
N GLU A 44 -7.44 11.93 6.74
CA GLU A 44 -6.83 11.77 8.08
C GLU A 44 -6.11 10.43 8.33
N LEU A 45 -6.49 9.40 7.59
CA LEU A 45 -5.80 8.09 7.64
C LEU A 45 -4.46 8.02 6.90
N ARG A 46 -4.07 9.12 6.23
CA ARG A 46 -2.79 9.18 5.55
C ARG A 46 -1.59 9.37 6.51
N THR A 47 -1.86 9.78 7.75
CA THR A 47 -0.82 10.14 8.72
C THR A 47 0.14 9.01 9.12
N SER A 48 1.42 9.34 9.23
CA SER A 48 2.41 8.47 9.87
C SER A 48 2.63 8.85 11.34
N MET A 49 2.14 10.02 11.76
CA MET A 49 2.46 10.59 13.09
C MET A 49 1.84 9.86 14.28
N LEU A 50 0.73 9.15 14.06
CA LEU A 50 0.09 8.37 15.11
C LEU A 50 0.77 7.02 15.31
N SER A 51 0.77 6.53 16.55
CA SER A 51 1.21 5.16 16.85
C SER A 51 0.10 4.19 16.41
N PRO A 52 0.33 2.86 16.54
CA PRO A 52 -0.70 1.89 16.17
C PRO A 52 -2.01 1.97 16.95
N LYS A 53 -1.92 2.21 18.26
CA LYS A 53 -3.12 2.32 19.10
C LYS A 53 -3.95 3.55 18.72
N SER A 54 -3.26 4.68 18.55
CA SER A 54 -3.91 5.92 18.13
C SER A 54 -4.59 5.76 16.77
N TYR A 55 -3.82 5.26 15.79
CA TYR A 55 -4.30 5.02 14.43
C TYR A 55 -5.56 4.14 14.46
N TYR A 56 -5.50 3.06 15.25
CA TYR A 56 -6.65 2.18 15.45
C TYR A 56 -7.92 2.93 15.89
N GLU A 57 -7.76 3.86 16.83
CA GLU A 57 -8.87 4.66 17.33
C GLU A 57 -9.45 5.54 16.20
N LEU A 58 -8.57 6.23 15.48
CA LEU A 58 -8.94 7.04 14.33
C LEU A 58 -9.64 6.25 13.22
N TYR A 59 -9.14 5.04 12.96
CA TYR A 59 -9.74 4.11 11.99
C TYR A 59 -11.17 3.76 12.38
N MET A 60 -11.36 3.43 13.65
CA MET A 60 -12.68 3.08 14.18
C MET A 60 -13.68 4.21 14.05
N ALA A 61 -13.22 5.43 14.30
CA ALA A 61 -14.04 6.62 14.09
C ALA A 61 -14.47 6.69 12.63
N ILE A 62 -13.50 6.63 11.71
CA ILE A 62 -13.73 6.81 10.28
C ILE A 62 -14.52 5.64 9.66
N SER A 63 -14.34 4.44 10.21
CA SER A 63 -15.10 3.26 9.79
C SER A 63 -16.59 3.33 10.15
N ASP A 64 -16.91 3.98 11.28
CA ASP A 64 -18.30 4.25 11.68
C ASP A 64 -19.02 5.18 10.73
N GLU A 65 -18.34 6.26 10.35
CA GLU A 65 -18.90 7.25 9.43
C GLU A 65 -19.09 6.64 8.04
N LEU A 66 -18.08 5.93 7.54
CA LEU A 66 -18.17 5.21 6.26
C LEU A 66 -19.37 4.26 6.15
N HIS A 67 -19.84 3.71 7.27
CA HIS A 67 -21.03 2.86 7.29
C HIS A 67 -22.33 3.62 6.96
N TYR A 68 -22.46 4.87 7.44
CA TYR A 68 -23.62 5.72 7.11
C TYR A 68 -23.67 6.02 5.61
N LEU A 69 -22.49 6.22 5.01
CA LEU A 69 -22.35 6.38 3.55
C LEU A 69 -22.70 5.09 2.83
N GLU A 70 -22.10 3.99 3.29
CA GLU A 70 -22.31 2.68 2.65
C GLU A 70 -23.78 2.30 2.62
N VAL A 71 -24.45 2.42 3.77
CA VAL A 71 -25.88 2.10 3.88
C VAL A 71 -26.76 3.07 3.07
N TYR A 72 -26.34 4.33 2.96
CA TYR A 72 -27.02 5.32 2.10
C TYR A 72 -27.06 4.82 0.66
N LEU A 73 -25.89 4.49 0.13
CA LEU A 73 -25.75 3.95 -1.24
C LEU A 73 -26.52 2.64 -1.41
N THR A 74 -26.41 1.73 -0.45
CA THR A 74 -27.06 0.41 -0.57
C THR A 74 -28.57 0.54 -0.75
N ASP A 75 -29.19 1.42 0.04
CA ASP A 75 -30.64 1.68 -0.03
C ASP A 75 -31.00 2.43 -1.31
N GLU A 76 -30.27 3.51 -1.60
CA GLU A 76 -30.41 4.27 -2.86
C GLU A 76 -30.37 3.41 -4.12
N PHE A 77 -29.48 2.42 -4.15
CA PHE A 77 -29.39 1.44 -5.25
C PHE A 77 -30.56 0.44 -5.22
N ALA A 78 -30.91 -0.01 -4.02
CA ALA A 78 -32.02 -0.97 -3.80
C ALA A 78 -33.40 -0.41 -4.15
N LYS A 79 -33.57 0.91 -4.03
CA LYS A 79 -34.81 1.61 -4.43
C LYS A 79 -34.83 2.06 -5.91
N GLY A 80 -34.06 1.38 -6.79
CA GLY A 80 -34.09 1.66 -8.23
C GLY A 80 -33.22 2.80 -8.75
N ARG A 81 -32.78 3.70 -7.87
CA ARG A 81 -32.08 4.95 -8.25
C ARG A 81 -30.56 4.79 -8.11
N LYS A 82 -29.99 3.98 -9.01
CA LYS A 82 -28.58 3.57 -8.95
C LYS A 82 -27.66 4.55 -9.68
N VAL A 83 -26.65 5.07 -8.98
CA VAL A 83 -25.74 6.06 -9.55
C VAL A 83 -24.82 5.45 -10.61
N ALA A 84 -24.77 6.10 -11.76
CA ALA A 84 -23.96 5.65 -12.88
C ALA A 84 -22.51 6.03 -12.66
N ASP A 85 -21.61 5.15 -13.11
CA ASP A 85 -20.15 5.36 -13.06
C ASP A 85 -19.57 5.62 -11.67
N LEU A 86 -20.26 5.18 -10.61
CA LEU A 86 -19.85 5.53 -9.24
C LEU A 86 -18.53 4.83 -8.86
N TYR A 87 -18.38 3.59 -9.31
CA TYR A 87 -17.14 2.83 -9.15
C TYR A 87 -15.95 3.56 -9.76
N GLU A 88 -16.14 4.00 -11.01
CA GLU A 88 -15.15 4.80 -11.74
C GLU A 88 -14.89 6.15 -11.07
N LEU A 89 -15.96 6.81 -10.62
CA LEU A 89 -15.88 8.19 -10.11
C LEU A 89 -15.05 8.36 -8.85
N VAL A 90 -15.19 7.45 -7.89
CA VAL A 90 -14.39 7.47 -6.66
C VAL A 90 -12.90 7.26 -6.89
N GLN A 91 -12.53 6.66 -8.03
CA GLN A 91 -11.14 6.49 -8.37
C GLN A 91 -10.46 7.76 -8.87
N TYR A 92 -11.23 8.80 -9.19
CA TYR A 92 -10.63 10.07 -9.65
C TYR A 92 -9.81 10.72 -8.53
N ALA A 93 -10.12 10.38 -7.27
CA ALA A 93 -9.41 10.86 -6.07
C ALA A 93 -7.89 10.82 -6.24
N GLY A 94 -7.23 11.92 -5.85
CA GLY A 94 -5.80 12.09 -6.08
C GLY A 94 -4.92 11.23 -5.19
N ASN A 95 -5.28 11.19 -3.90
CA ASN A 95 -4.58 10.39 -2.90
C ASN A 95 -5.12 8.97 -2.85
N ILE A 96 -4.21 8.00 -2.80
CA ILE A 96 -4.58 6.58 -2.90
C ILE A 96 -5.37 6.03 -1.71
N ILE A 97 -5.12 6.56 -0.51
CA ILE A 97 -5.79 6.07 0.70
C ILE A 97 -7.30 6.41 0.68
N PRO A 98 -7.67 7.69 0.48
CA PRO A 98 -9.10 7.96 0.28
C PRO A 98 -9.69 7.16 -0.88
N ARG A 99 -8.95 7.11 -2.00
CA ARG A 99 -9.42 6.42 -3.20
C ARG A 99 -9.85 4.97 -2.95
N LEU A 100 -9.03 4.23 -2.22
CA LEU A 100 -9.27 2.79 -2.02
C LEU A 100 -10.33 2.50 -0.97
N TYR A 101 -10.35 3.28 0.12
CA TYR A 101 -11.44 3.16 1.11
C TYR A 101 -12.80 3.42 0.44
N LEU A 102 -12.86 4.45 -0.42
CA LEU A 102 -14.09 4.74 -1.17
C LEU A 102 -14.41 3.66 -2.20
N LEU A 103 -13.37 3.19 -2.88
CA LEU A 103 -13.50 2.11 -3.87
C LEU A 103 -14.05 0.84 -3.24
N ILE A 104 -13.52 0.48 -2.08
CA ILE A 104 -13.98 -0.69 -1.32
C ILE A 104 -15.43 -0.52 -0.84
N THR A 105 -15.73 0.66 -0.30
CA THR A 105 -17.10 1.00 0.10
C THR A 105 -18.06 0.87 -1.08
N VAL A 106 -17.71 1.50 -2.20
CA VAL A 106 -18.54 1.47 -3.40
C VAL A 106 -18.56 0.06 -4.03
N GLY A 107 -17.48 -0.69 -3.87
CA GLY A 107 -17.41 -2.06 -4.38
C GLY A 107 -18.50 -2.96 -3.83
N VAL A 108 -18.61 -3.02 -2.50
CA VAL A 108 -19.58 -3.90 -1.83
C VAL A 108 -21.04 -3.54 -2.13
N VAL A 109 -21.30 -2.25 -2.40
CA VAL A 109 -22.62 -1.80 -2.83
C VAL A 109 -22.93 -2.39 -4.22
N TYR A 110 -21.93 -2.35 -5.11
CA TYR A 110 -22.05 -2.91 -6.45
C TYR A 110 -22.23 -4.44 -6.46
N VAL A 111 -21.58 -5.15 -5.52
CA VAL A 111 -21.69 -6.62 -5.43
C VAL A 111 -23.10 -7.02 -5.00
N LYS A 112 -23.61 -6.32 -3.99
CA LYS A 112 -25.00 -6.50 -3.55
C LYS A 112 -25.95 -6.18 -4.69
N SER A 113 -25.79 -4.99 -5.27
CA SER A 113 -26.74 -4.48 -6.26
C SER A 113 -26.64 -5.14 -7.65
N PHE A 114 -25.44 -5.52 -8.07
CA PHE A 114 -25.21 -6.23 -9.34
C PHE A 114 -24.48 -7.54 -9.04
N PRO A 115 -25.24 -8.61 -8.75
CA PRO A 115 -24.61 -9.92 -8.45
C PRO A 115 -23.70 -10.49 -9.55
N GLN A 116 -24.04 -10.20 -10.79
CA GLN A 116 -23.21 -10.57 -11.95
C GLN A 116 -21.73 -10.14 -11.89
N SER A 117 -21.45 -9.00 -11.26
CA SER A 117 -20.10 -8.45 -11.21
C SER A 117 -19.35 -8.77 -9.90
N ARG A 118 -19.84 -9.75 -9.13
CA ARG A 118 -19.29 -10.04 -7.81
C ARG A 118 -17.85 -10.56 -7.88
N LYS A 119 -17.63 -11.57 -8.72
CA LYS A 119 -16.31 -12.20 -8.86
C LYS A 119 -15.24 -11.19 -9.27
N ASP A 120 -15.55 -10.41 -10.30
CA ASP A 120 -14.61 -9.41 -10.83
C ASP A 120 -14.30 -8.30 -9.84
N ILE A 121 -15.33 -7.79 -9.15
CA ILE A 121 -15.15 -6.70 -8.18
C ILE A 121 -14.33 -7.13 -6.98
N LEU A 122 -14.63 -8.30 -6.42
CA LEU A 122 -13.85 -8.83 -5.29
C LEU A 122 -12.40 -9.05 -5.70
N LYS A 123 -12.23 -9.74 -6.83
CA LYS A 123 -10.91 -9.95 -7.38
C LYS A 123 -10.19 -8.62 -7.59
N ASP A 124 -10.93 -7.61 -8.05
CA ASP A 124 -10.39 -6.25 -8.26
C ASP A 124 -9.97 -5.58 -6.96
N LEU A 125 -10.85 -5.58 -5.96
CA LEU A 125 -10.60 -4.87 -4.71
C LEU A 125 -9.39 -5.38 -3.95
N VAL A 126 -9.18 -6.70 -3.92
CA VAL A 126 -7.99 -7.27 -3.28
C VAL A 126 -6.73 -6.92 -4.07
N GLU A 127 -6.84 -6.90 -5.40
CA GLU A 127 -5.68 -6.61 -6.27
C GLU A 127 -5.24 -5.15 -6.22
N MET A 128 -6.19 -4.22 -6.25
CA MET A 128 -5.86 -2.79 -6.27
C MET A 128 -5.32 -2.26 -4.94
N CYS A 129 -5.50 -3.03 -3.87
CA CYS A 129 -4.88 -2.72 -2.56
C CYS A 129 -3.35 -2.85 -2.55
N ARG A 130 -2.77 -3.55 -3.52
CA ARG A 130 -1.31 -3.55 -3.71
C ARG A 130 -0.72 -2.12 -3.75
N GLY A 131 -1.54 -1.14 -4.12
CA GLY A 131 -1.20 0.28 -4.03
C GLY A 131 -0.54 0.69 -2.73
N VAL A 132 -1.08 0.28 -1.59
CA VAL A 132 -0.52 0.66 -0.28
C VAL A 132 0.54 -0.36 0.18
N GLN A 133 1.81 0.05 0.13
CA GLN A 133 2.95 -0.75 0.62
C GLN A 133 3.37 -0.41 2.05
N HIS A 134 2.75 0.61 2.64
CA HIS A 134 3.11 1.07 3.98
C HIS A 134 2.44 0.14 4.97
N PRO A 135 3.24 -0.57 5.80
CA PRO A 135 2.74 -1.61 6.70
C PRO A 135 1.53 -1.26 7.56
N LEU A 136 1.57 -0.15 8.28
CA LEU A 136 0.46 0.21 9.18
C LEU A 136 -0.82 0.49 8.39
N ARG A 137 -0.73 1.48 7.51
CA ARG A 137 -1.87 1.96 6.73
C ARG A 137 -2.43 0.88 5.80
N GLY A 138 -1.54 0.06 5.25
CA GLY A 138 -1.91 -1.05 4.39
C GLY A 138 -2.65 -2.15 5.11
N LEU A 139 -2.17 -2.49 6.31
CA LEU A 139 -2.86 -3.47 7.15
C LEU A 139 -4.31 -3.06 7.39
N PHE A 140 -4.52 -1.82 7.82
CA PHE A 140 -5.87 -1.33 8.14
C PHE A 140 -6.77 -1.23 6.91
N LEU A 141 -6.20 -0.85 5.77
CA LEU A 141 -6.92 -0.90 4.50
C LEU A 141 -7.36 -2.34 4.19
N ARG A 142 -6.39 -3.25 4.21
CA ARG A 142 -6.65 -4.66 3.91
C ARG A 142 -7.57 -5.32 4.94
N ASN A 143 -7.59 -4.77 6.17
CA ASN A 143 -8.62 -5.15 7.13
C ASN A 143 -9.98 -4.59 6.78
N TYR A 144 -10.04 -3.33 6.36
CA TYR A 144 -11.30 -2.72 5.93
C TYR A 144 -11.90 -3.46 4.74
N LEU A 145 -11.03 -3.96 3.85
CA LEU A 145 -11.46 -4.84 2.75
C LEU A 145 -12.17 -6.07 3.27
N LEU A 146 -11.56 -6.70 4.27
CA LEU A 146 -12.01 -7.96 4.82
C LEU A 146 -13.36 -7.83 5.53
N GLN A 147 -13.51 -6.77 6.32
CA GLN A 147 -14.74 -6.52 7.08
C GLN A 147 -15.90 -6.05 6.21
N CYS A 148 -15.64 -5.17 5.24
CA CYS A 148 -16.66 -4.77 4.24
C CYS A 148 -17.21 -5.96 3.46
N THR A 149 -16.32 -6.85 3.03
CA THR A 149 -16.71 -8.02 2.22
C THR A 149 -17.32 -9.20 3.02
N ARG A 150 -17.23 -9.15 4.36
CA ARG A 150 -17.66 -10.26 5.24
C ARG A 150 -18.91 -11.02 4.78
N ASN A 151 -20.02 -10.29 4.60
CA ASN A 151 -21.30 -10.91 4.27
C ASN A 151 -21.51 -11.30 2.80
N ILE A 152 -20.67 -10.78 1.90
CA ILE A 152 -20.93 -10.91 0.46
C ILE A 152 -19.99 -11.86 -0.28
N LEU A 153 -19.02 -12.47 0.41
CA LEU A 153 -18.11 -13.43 -0.23
C LEU A 153 -18.87 -14.69 -0.65
N PRO A 154 -18.53 -15.27 -1.81
CA PRO A 154 -19.11 -16.55 -2.23
C PRO A 154 -19.05 -17.66 -1.18
N ASP A 155 -19.94 -18.64 -1.30
CA ASP A 155 -20.06 -19.74 -0.33
C ASP A 155 -20.95 -20.84 -0.89
N GLU A 156 -21.36 -21.79 -0.05
CA GLU A 156 -22.23 -22.89 -0.48
C GLU A 156 -23.70 -22.80 -0.02
N GLY A 157 -23.96 -22.15 1.11
CA GLY A 157 -25.33 -21.93 1.58
C GLY A 157 -25.92 -20.63 1.08
N GLU A 158 -25.90 -20.42 -0.24
CA GLU A 158 -26.28 -19.13 -0.84
C GLU A 158 -27.56 -19.19 -1.68
N PRO A 159 -28.31 -18.07 -1.77
CA PRO A 159 -29.44 -17.95 -2.69
C PRO A 159 -29.13 -18.38 -4.14
N THR A 160 -30.05 -19.15 -4.75
CA THR A 160 -29.86 -19.74 -6.08
C THR A 160 -30.24 -18.76 -7.23
N ASP A 161 -29.55 -17.61 -7.27
CA ASP A 161 -29.77 -16.57 -8.30
C ASP A 161 -28.80 -16.83 -9.43
N GLU A 162 -29.26 -17.49 -10.50
CA GLU A 162 -28.36 -17.98 -11.57
C GLU A 162 -27.79 -16.89 -12.50
N GLU A 163 -27.75 -15.64 -12.01
CA GLU A 163 -26.99 -14.55 -12.63
C GLU A 163 -25.82 -14.06 -11.76
N THR A 164 -25.56 -14.73 -10.62
CA THR A 164 -24.43 -14.38 -9.74
C THR A 164 -23.15 -15.03 -10.23
N THR A 165 -22.02 -14.43 -9.88
CA THR A 165 -20.68 -14.94 -10.26
C THR A 165 -19.81 -15.25 -9.06
N GLY A 166 -18.85 -16.16 -9.29
CA GLY A 166 -17.88 -16.54 -8.29
C GLY A 166 -18.38 -17.58 -7.30
N ASP A 167 -17.51 -18.53 -6.95
CA ASP A 167 -17.86 -19.62 -6.04
C ASP A 167 -16.86 -19.68 -4.85
N ILE A 168 -17.02 -20.68 -3.98
CA ILE A 168 -16.13 -20.87 -2.83
C ILE A 168 -14.63 -20.81 -3.18
N SER A 169 -14.23 -21.33 -4.34
CA SER A 169 -12.82 -21.29 -4.78
C SER A 169 -12.29 -19.87 -4.84
N ASP A 170 -13.13 -18.96 -5.32
CA ASP A 170 -12.79 -17.53 -5.42
C ASP A 170 -12.75 -16.87 -4.04
N SER A 171 -13.65 -17.29 -3.15
CA SER A 171 -13.59 -16.83 -1.75
C SER A 171 -12.28 -17.23 -1.04
N MET A 172 -11.83 -18.47 -1.27
CA MET A 172 -10.59 -18.96 -0.66
C MET A 172 -9.34 -18.27 -1.22
N ASP A 173 -9.27 -18.10 -2.53
CA ASP A 173 -8.22 -17.26 -3.15
C ASP A 173 -8.25 -15.83 -2.63
N PHE A 174 -9.45 -15.24 -2.51
CA PHE A 174 -9.61 -13.86 -2.08
C PHE A 174 -8.99 -13.61 -0.72
N VAL A 175 -9.31 -14.47 0.25
CA VAL A 175 -8.84 -14.32 1.62
C VAL A 175 -7.38 -14.78 1.78
N LEU A 176 -7.01 -15.91 1.17
CA LEU A 176 -5.61 -16.38 1.20
C LEU A 176 -4.64 -15.37 0.59
N LEU A 177 -5.08 -14.63 -0.42
CA LEU A 177 -4.29 -13.54 -1.01
C LEU A 177 -4.20 -12.36 -0.03
N ASN A 178 -5.35 -11.92 0.49
CA ASN A 178 -5.37 -10.84 1.48
C ASN A 178 -4.53 -11.19 2.71
N PHE A 179 -4.61 -12.45 3.15
CA PHE A 179 -3.78 -12.98 4.23
C PHE A 179 -2.29 -12.83 3.93
N ALA A 180 -1.89 -13.38 2.78
CA ALA A 180 -0.49 -13.38 2.36
C ALA A 180 0.10 -11.98 2.22
N GLU A 181 -0.73 -11.02 1.80
CA GLU A 181 -0.31 -9.61 1.71
C GLU A 181 -0.23 -8.95 3.07
N MET A 182 -1.21 -9.22 3.94
CA MET A 182 -1.22 -8.65 5.28
C MET A 182 -0.09 -9.21 6.15
N ASN A 183 0.25 -10.49 5.98
CA ASN A 183 1.38 -11.08 6.72
C ASN A 183 2.73 -10.57 6.24
N LYS A 184 2.82 -10.27 4.95
CA LYS A 184 3.99 -9.65 4.35
C LYS A 184 4.21 -8.24 4.95
N LEU A 185 3.16 -7.43 5.00
CA LEU A 185 3.18 -6.08 5.60
C LEU A 185 3.52 -6.11 7.08
N TRP A 186 2.86 -7.00 7.80
CA TRP A 186 3.06 -7.16 9.25
C TRP A 186 4.47 -7.65 9.63
N VAL A 187 5.07 -8.52 8.80
CA VAL A 187 6.47 -8.97 8.99
C VAL A 187 7.46 -7.88 8.57
N ARG A 188 7.13 -7.12 7.53
CA ARG A 188 7.97 -6.00 7.09
C ARG A 188 8.15 -4.95 8.19
N MET A 189 7.09 -4.68 8.96
CA MET A 189 7.16 -3.81 10.16
C MET A 189 8.37 -4.05 11.06
N GLN A 190 8.91 -5.26 11.06
CA GLN A 190 10.11 -5.59 11.81
C GLN A 190 11.31 -4.71 11.44
N HIS A 191 11.46 -4.38 10.16
CA HIS A 191 12.65 -3.66 9.67
C HIS A 191 12.47 -2.17 9.33
N GLN A 192 11.26 -1.62 9.47
CA GLN A 192 11.04 -0.18 9.29
C GLN A 192 11.45 0.59 10.56
N GLY A 193 11.97 1.80 10.39
CA GLY A 193 12.39 2.65 11.53
C GLY A 193 13.82 2.44 11.99
N HIS A 194 14.16 3.06 13.12
CA HIS A 194 15.53 3.06 13.65
C HIS A 194 15.78 1.79 14.48
N SER A 195 17.02 1.31 14.45
CA SER A 195 17.37 -0.01 15.00
C SER A 195 17.29 -0.15 16.53
N ARG A 196 17.29 0.98 17.25
CA ARG A 196 17.19 0.97 18.71
C ARG A 196 15.75 0.88 19.25
N ASP A 197 14.75 0.96 18.36
CA ASP A 197 13.34 0.77 18.72
C ASP A 197 12.84 -0.64 18.35
N ARG A 198 13.66 -1.66 18.58
CA ARG A 198 13.32 -3.04 18.25
C ARG A 198 12.25 -3.57 19.20
N GLU A 199 12.40 -3.29 20.49
CA GLU A 199 11.40 -3.68 21.49
C GLU A 199 10.08 -2.94 21.33
N LYS A 200 10.15 -1.67 20.90
CA LYS A 200 8.93 -0.89 20.62
C LYS A 200 8.18 -1.45 19.42
N ARG A 201 8.90 -1.82 18.37
CA ARG A 201 8.30 -2.41 17.18
C ARG A 201 7.60 -3.72 17.48
N GLU A 202 8.32 -4.66 18.09
CA GLU A 202 7.73 -5.94 18.46
C GLU A 202 6.53 -5.79 19.41
N ARG A 203 6.51 -4.74 20.22
CA ARG A 203 5.32 -4.36 20.98
C ARG A 203 4.22 -3.87 20.01
N GLU A 204 4.58 -2.95 19.12
CA GLU A 204 3.67 -2.41 18.09
C GLU A 204 3.06 -3.49 17.16
N ARG A 205 3.89 -4.44 16.73
CA ARG A 205 3.45 -5.58 15.92
C ARG A 205 2.47 -6.46 16.68
N GLN A 206 2.80 -6.75 17.93
CA GLN A 206 1.96 -7.57 18.80
C GLN A 206 0.54 -7.02 18.89
N GLU A 207 0.40 -5.70 19.07
CA GLU A 207 -0.91 -5.05 19.12
C GLU A 207 -1.71 -5.29 17.83
N LEU A 208 -1.01 -5.28 16.69
CA LEU A 208 -1.62 -5.45 15.37
C LEU A 208 -1.85 -6.90 14.92
N ARG A 209 -1.41 -7.89 15.70
CA ARG A 209 -1.50 -9.30 15.28
C ARG A 209 -2.93 -9.76 14.93
N ILE A 210 -3.92 -9.20 15.63
CA ILE A 210 -5.33 -9.53 15.38
C ILE A 210 -5.76 -9.26 13.93
N LEU A 211 -5.20 -8.22 13.30
CA LEU A 211 -5.56 -7.87 11.92
C LEU A 211 -5.21 -8.98 10.94
N VAL A 212 -4.01 -9.52 11.06
CA VAL A 212 -3.58 -10.62 10.20
C VAL A 212 -4.40 -11.87 10.51
N GLY A 213 -4.63 -12.13 11.78
CA GLY A 213 -5.37 -13.29 12.26
C GLY A 213 -6.81 -13.35 11.79
N THR A 214 -7.42 -12.18 11.59
CA THR A 214 -8.80 -12.07 11.07
C THR A 214 -9.00 -12.80 9.74
N ASN A 215 -7.98 -12.81 8.88
CA ASN A 215 -8.02 -13.57 7.63
C ASN A 215 -8.28 -15.07 7.84
N LEU A 216 -7.61 -15.64 8.84
CA LEU A 216 -7.79 -17.05 9.18
C LEU A 216 -9.18 -17.30 9.74
N VAL A 217 -9.63 -16.38 10.60
CA VAL A 217 -10.98 -16.42 11.17
C VAL A 217 -12.07 -16.41 10.08
N ARG A 218 -11.89 -15.54 9.09
CA ARG A 218 -12.79 -15.44 7.94
C ARG A 218 -12.85 -16.75 7.14
N LEU A 219 -11.71 -17.38 6.89
CA LEU A 219 -11.65 -18.69 6.20
C LEU A 219 -12.42 -19.81 6.91
N SER A 220 -12.42 -19.80 8.24
CA SER A 220 -13.17 -20.81 9.00
C SER A 220 -14.67 -20.50 9.01
N GLN A 221 -15.05 -19.23 8.88
CA GLN A 221 -16.47 -18.86 8.74
C GLN A 221 -17.09 -19.22 7.38
N LEU A 222 -16.28 -19.63 6.41
CA LEU A 222 -16.79 -20.12 5.13
C LEU A 222 -17.37 -21.52 5.31
N GLU A 223 -18.69 -21.64 5.11
CA GLU A 223 -19.41 -22.92 5.19
C GLU A 223 -18.84 -23.93 4.22
N GLY A 224 -18.51 -23.47 3.02
CA GLY A 224 -17.95 -24.31 1.97
C GLY A 224 -16.50 -24.72 2.11
N VAL A 225 -15.85 -24.39 3.23
CA VAL A 225 -14.52 -24.94 3.53
C VAL A 225 -14.71 -26.25 4.28
N ASN A 226 -14.76 -27.35 3.53
CA ASN A 226 -14.77 -28.70 4.10
C ASN A 226 -13.34 -29.17 4.36
N VAL A 227 -13.21 -30.33 5.00
CA VAL A 227 -11.90 -30.90 5.35
C VAL A 227 -10.93 -31.09 4.18
N GLU A 228 -11.44 -31.50 3.02
CA GLU A 228 -10.56 -31.78 1.88
C GLU A 228 -10.07 -30.47 1.26
N ARG A 229 -10.90 -29.43 1.28
CA ARG A 229 -10.47 -28.08 0.91
C ARG A 229 -9.49 -27.51 1.94
N TYR A 230 -9.72 -27.79 3.22
CA TYR A 230 -8.77 -27.40 4.27
C TYR A 230 -7.43 -28.08 4.06
N LYS A 231 -7.46 -29.39 3.85
CA LYS A 231 -6.23 -30.15 3.59
C LYS A 231 -5.47 -29.55 2.41
N GLN A 232 -6.14 -29.49 1.27
CA GLN A 232 -5.47 -29.18 0.00
C GLN A 232 -5.23 -27.69 -0.27
N ILE A 233 -6.17 -26.83 0.10
CA ILE A 233 -6.10 -25.42 -0.29
C ILE A 233 -5.77 -24.51 0.89
N VAL A 234 -6.63 -24.49 1.90
CA VAL A 234 -6.58 -23.47 2.96
C VAL A 234 -5.33 -23.61 3.86
N LEU A 235 -5.12 -24.77 4.46
CA LEU A 235 -3.96 -25.00 5.31
C LEU A 235 -2.66 -25.04 4.52
N THR A 236 -2.67 -25.65 3.34
CA THR A 236 -1.50 -25.57 2.44
C THR A 236 -1.16 -24.13 2.13
N GLY A 237 -2.19 -23.33 1.88
CA GLY A 237 -2.03 -21.90 1.65
C GLY A 237 -1.39 -21.20 2.82
N ILE A 238 -2.01 -21.37 4.00
CA ILE A 238 -1.55 -20.73 5.24
C ILE A 238 -0.13 -21.18 5.59
N LEU A 239 0.11 -22.48 5.58
CA LEU A 239 1.43 -23.02 5.95
C LEU A 239 2.59 -22.53 5.08
N GLU A 240 2.32 -22.31 3.79
CA GLU A 240 3.32 -21.77 2.86
C GLU A 240 3.84 -20.39 3.30
N GLN A 241 2.96 -19.55 3.79
CA GLN A 241 3.34 -18.23 4.32
C GLN A 241 4.03 -18.36 5.66
N VAL A 242 3.55 -19.28 6.50
CA VAL A 242 4.03 -19.46 7.86
C VAL A 242 5.49 -19.95 7.87
N VAL A 243 5.77 -21.03 7.15
CA VAL A 243 7.15 -21.54 7.13
C VAL A 243 8.11 -20.56 6.42
N ASN A 244 7.64 -19.92 5.34
CA ASN A 244 8.51 -19.04 4.56
C ASN A 244 8.64 -17.61 5.07
N CYS A 245 7.79 -17.16 6.00
CA CYS A 245 8.00 -15.82 6.57
C CYS A 245 9.24 -15.74 7.46
N ARG A 246 9.71 -16.88 7.98
CA ARG A 246 10.97 -16.96 8.74
C ARG A 246 11.06 -15.93 9.89
N ASP A 247 9.92 -15.66 10.51
CA ASP A 247 9.79 -14.62 11.53
C ASP A 247 9.09 -15.22 12.74
N ALA A 248 9.83 -15.35 13.85
CA ALA A 248 9.35 -16.08 15.03
C ALA A 248 8.02 -15.54 15.57
N LEU A 249 7.90 -14.22 15.62
CA LEU A 249 6.68 -13.58 16.12
C LEU A 249 5.46 -14.01 15.31
N ALA A 250 5.58 -13.94 13.99
CA ALA A 250 4.48 -14.29 13.09
C ALA A 250 4.17 -15.78 13.15
N GLN A 251 5.21 -16.60 13.08
CA GLN A 251 5.07 -18.05 13.11
C GLN A 251 4.34 -18.52 14.36
N GLU A 252 4.79 -18.06 15.52
CA GLU A 252 4.19 -18.44 16.80
C GLU A 252 2.73 -18.01 16.88
N TYR A 253 2.42 -16.80 16.42
CA TYR A 253 1.07 -16.31 16.48
C TYR A 253 0.16 -17.10 15.55
N LEU A 254 0.59 -17.24 14.30
CA LEU A 254 -0.24 -17.83 13.26
C LEU A 254 -0.52 -19.32 13.50
N MET A 255 0.47 -20.06 13.99
CA MET A 255 0.28 -21.48 14.28
C MET A 255 -0.74 -21.66 15.40
N GLU A 256 -0.57 -20.96 16.52
CA GLU A 256 -1.56 -20.97 17.60
C GLU A 256 -2.92 -20.48 17.14
N CYS A 257 -2.91 -19.48 16.25
CA CYS A 257 -4.12 -18.94 15.67
C CYS A 257 -4.88 -19.95 14.79
N ILE A 258 -4.15 -20.81 14.08
CA ILE A 258 -4.73 -21.94 13.34
C ILE A 258 -5.54 -22.83 14.27
N ILE A 259 -4.88 -23.27 15.35
CA ILE A 259 -5.46 -24.22 16.33
C ILE A 259 -6.79 -23.69 16.89
N GLN A 260 -6.79 -22.41 17.27
CA GLN A 260 -7.96 -21.76 17.85
C GLN A 260 -9.15 -21.69 16.88
N VAL A 261 -8.85 -21.40 15.62
CA VAL A 261 -9.85 -20.92 14.67
C VAL A 261 -10.61 -22.05 13.96
N PHE A 262 -9.87 -23.08 13.57
CA PHE A 262 -10.44 -24.20 12.82
C PHE A 262 -10.89 -25.34 13.74
N PRO A 263 -11.92 -26.11 13.33
CA PRO A 263 -12.47 -27.17 14.18
C PRO A 263 -11.54 -28.37 14.40
N ASP A 264 -11.85 -29.13 15.44
CA ASP A 264 -11.07 -30.31 15.81
C ASP A 264 -11.13 -31.41 14.74
N GLU A 265 -12.25 -31.48 14.01
CA GLU A 265 -12.40 -32.41 12.90
C GLU A 265 -11.26 -32.22 11.89
N PHE A 266 -10.98 -30.96 11.56
CA PHE A 266 -9.92 -30.58 10.62
C PHE A 266 -8.53 -30.90 11.18
N HIS A 267 -8.33 -30.63 12.47
CA HIS A 267 -7.05 -30.90 13.13
C HIS A 267 -6.64 -32.37 13.10
N LEU A 268 -7.61 -33.27 13.29
CA LEU A 268 -7.36 -34.73 13.24
C LEU A 268 -6.93 -35.23 11.85
N GLN A 269 -7.47 -34.61 10.80
CA GLN A 269 -7.11 -34.94 9.42
C GLN A 269 -5.84 -34.24 8.93
N THR A 270 -5.27 -33.35 9.76
CA THR A 270 -4.08 -32.57 9.43
C THR A 270 -2.98 -32.53 10.52
N LEU A 271 -2.87 -33.57 11.35
CA LEU A 271 -1.88 -33.59 12.44
C LEU A 271 -0.42 -33.71 11.97
N ASN A 272 -0.12 -34.65 11.07
CA ASN A 272 1.28 -34.82 10.59
C ASN A 272 1.76 -33.66 9.71
N PRO A 273 0.86 -33.07 8.89
CA PRO A 273 1.21 -31.81 8.22
C PRO A 273 1.51 -30.66 9.19
N PHE A 274 0.64 -30.46 10.17
CA PHE A 274 0.82 -29.41 11.17
C PHE A 274 2.11 -29.55 11.98
N LEU A 275 2.43 -30.77 12.42
CA LEU A 275 3.59 -31.01 13.28
C LEU A 275 4.93 -31.08 12.53
N ARG A 276 4.89 -31.35 11.22
CA ARG A 276 6.08 -31.19 10.38
C ARG A 276 6.38 -29.72 10.16
N ALA A 277 5.34 -28.88 10.21
CA ALA A 277 5.49 -27.42 10.14
C ALA A 277 6.10 -26.86 11.41
N CYS A 278 5.69 -27.42 12.56
CA CYS A 278 6.27 -27.07 13.86
C CYS A 278 7.76 -27.31 13.90
N ALA A 279 8.19 -28.45 13.37
CA ALA A 279 9.62 -28.77 13.29
C ALA A 279 10.45 -27.85 12.39
N GLU A 280 9.80 -27.08 11.50
CA GLU A 280 10.49 -26.10 10.64
C GLU A 280 10.63 -24.72 11.23
N LEU A 281 9.83 -24.39 12.24
CA LEU A 281 9.72 -23.01 12.69
C LEU A 281 11.04 -22.45 13.24
N HIS A 282 11.13 -21.13 13.26
CA HIS A 282 12.31 -20.37 13.71
C HIS A 282 12.61 -20.73 15.17
N GLN A 283 13.90 -20.82 15.52
CA GLN A 283 14.33 -21.36 16.82
C GLN A 283 13.72 -20.66 18.03
N ASN A 284 13.63 -19.33 17.93
CA ASN A 284 12.97 -18.49 18.95
C ASN A 284 11.45 -18.68 19.12
N VAL A 285 10.82 -19.57 18.34
CA VAL A 285 9.41 -19.89 18.53
C VAL A 285 9.26 -20.90 19.65
N ASN A 286 8.32 -20.61 20.55
CA ASN A 286 7.90 -21.53 21.62
C ASN A 286 7.03 -22.64 21.01
N VAL A 287 7.68 -23.73 20.63
CA VAL A 287 7.02 -24.81 19.90
C VAL A 287 6.15 -25.60 20.88
N LYS A 288 6.70 -25.83 22.08
CA LYS A 288 5.99 -26.40 23.22
C LYS A 288 4.55 -25.87 23.36
N ASN A 289 4.40 -24.54 23.36
CA ASN A 289 3.07 -23.90 23.51
C ASN A 289 2.09 -24.24 22.38
N ILE A 290 2.61 -24.35 21.16
CA ILE A 290 1.81 -24.70 20.01
C ILE A 290 1.28 -26.12 20.18
N ILE A 291 2.20 -27.05 20.46
CA ILE A 291 1.84 -28.47 20.59
C ILE A 291 0.88 -28.69 21.76
N ILE A 292 1.17 -28.11 22.92
CA ILE A 292 0.30 -28.24 24.09
C ILE A 292 -1.09 -27.67 23.84
N ALA A 293 -1.17 -26.51 23.18
CA ALA A 293 -2.45 -25.90 22.82
C ALA A 293 -3.30 -26.83 21.96
N LEU A 294 -2.66 -27.51 21.01
CA LEU A 294 -3.33 -28.49 20.13
C LEU A 294 -3.85 -29.68 20.92
N ILE A 295 -2.97 -30.30 21.69
CA ILE A 295 -3.31 -31.44 22.56
C ILE A 295 -4.47 -31.16 23.51
N ASP A 296 -4.45 -29.98 24.13
CA ASP A 296 -5.53 -29.57 25.05
C ASP A 296 -6.88 -29.42 24.33
N ARG A 297 -6.86 -29.04 23.05
CA ARG A 297 -8.09 -28.89 22.27
C ARG A 297 -8.65 -30.25 21.80
N LEU A 298 -7.75 -31.21 21.55
CA LEU A 298 -8.12 -32.58 21.21
C LEU A 298 -8.50 -33.40 22.44
N ALA A 299 -8.03 -32.98 23.62
CA ALA A 299 -8.46 -33.55 24.89
C ALA A 299 -9.91 -33.17 25.20
N LEU A 300 -10.25 -31.89 25.06
CA LEU A 300 -11.63 -31.42 25.19
C LEU A 300 -12.57 -32.01 24.13
N PHE A 301 -12.03 -32.35 22.96
CA PHE A 301 -12.79 -33.02 21.91
C PHE A 301 -13.14 -34.47 22.23
N ALA A 302 -12.28 -35.15 22.99
CA ALA A 302 -12.53 -36.52 23.42
C ALA A 302 -13.70 -36.63 24.41
N HIS A 303 -13.71 -35.76 25.42
CA HIS A 303 -14.74 -35.76 26.47
C HIS A 303 -16.08 -35.11 26.08
N ARG A 304 -16.18 -34.56 24.87
CA ARG A 304 -17.42 -33.95 24.40
C ARG A 304 -18.32 -35.02 23.76
N GLU A 305 -19.47 -35.26 24.40
CA GLU A 305 -20.44 -36.24 23.91
C GLU A 305 -21.47 -35.52 23.04
N ASP A 306 -22.35 -36.29 22.41
CA ASP A 306 -23.18 -35.84 21.27
C ASP A 306 -22.30 -35.29 20.14
N GLY A 307 -21.16 -35.95 19.96
CA GLY A 307 -20.15 -35.61 18.96
C GLY A 307 -19.35 -36.87 18.68
N PRO A 308 -18.75 -36.97 17.47
CA PRO A 308 -18.22 -38.25 17.00
C PRO A 308 -17.15 -38.89 17.89
N GLY A 309 -16.34 -38.06 18.55
CA GLY A 309 -15.16 -38.54 19.26
C GLY A 309 -14.03 -38.76 18.26
N ILE A 310 -13.02 -39.51 18.68
CA ILE A 310 -11.79 -39.72 17.90
C ILE A 310 -11.84 -41.05 17.15
N PRO A 311 -11.87 -41.02 15.79
CA PRO A 311 -11.89 -42.27 15.03
C PRO A 311 -10.74 -43.22 15.36
N ALA A 312 -10.96 -44.52 15.19
CA ALA A 312 -9.97 -45.56 15.53
C ALA A 312 -8.75 -45.57 14.61
N ASP A 313 -8.94 -45.16 13.34
CA ASP A 313 -7.82 -45.05 12.38
C ASP A 313 -6.83 -43.92 12.71
N ILE A 314 -7.31 -42.86 13.36
CA ILE A 314 -6.46 -41.76 13.80
C ILE A 314 -5.79 -42.17 15.13
N LYS A 315 -4.61 -42.75 15.03
CA LYS A 315 -3.86 -43.22 16.21
C LYS A 315 -3.11 -42.04 16.87
N LEU A 316 -3.84 -41.27 17.68
CA LEU A 316 -3.32 -40.03 18.26
C LEU A 316 -1.97 -40.19 18.96
N PHE A 317 -1.93 -41.12 19.90
CA PHE A 317 -0.75 -41.32 20.74
C PHE A 317 0.51 -41.59 19.91
N ASP A 318 0.40 -42.49 18.94
CA ASP A 318 1.54 -42.83 18.08
C ASP A 318 1.98 -41.66 17.21
N ILE A 319 1.03 -40.83 16.78
CA ILE A 319 1.32 -39.62 16.02
C ILE A 319 2.05 -38.61 16.89
N PHE A 320 1.46 -38.26 18.03
CA PHE A 320 2.03 -37.24 18.92
C PHE A 320 3.36 -37.63 19.59
N SER A 321 3.47 -38.86 20.10
CA SER A 321 4.73 -39.35 20.69
C SER A 321 5.88 -39.24 19.70
N GLN A 322 5.62 -39.66 18.47
CA GLN A 322 6.63 -39.69 17.41
C GLN A 322 6.99 -38.29 16.91
N GLN A 323 5.99 -37.41 16.78
CA GLN A 323 6.22 -36.04 16.27
C GLN A 323 6.86 -35.14 17.32
N VAL A 324 6.36 -35.19 18.56
CA VAL A 324 6.95 -34.42 19.65
C VAL A 324 8.46 -34.72 19.75
N ALA A 325 8.83 -36.00 19.68
CA ALA A 325 10.23 -36.42 19.70
C ALA A 325 11.03 -35.89 18.51
N THR A 326 10.39 -35.78 17.34
CA THR A 326 10.99 -35.19 16.13
C THR A 326 11.09 -33.67 16.23
N VAL A 327 10.04 -33.03 16.75
CA VAL A 327 10.02 -31.58 16.95
C VAL A 327 11.09 -31.13 17.95
N ILE A 328 11.24 -31.88 19.04
CA ILE A 328 12.31 -31.61 20.03
C ILE A 328 13.67 -31.85 19.39
N GLN A 329 13.78 -32.89 18.56
CA GLN A 329 15.01 -33.14 17.83
C GLN A 329 15.38 -31.92 16.98
N SER A 330 14.39 -31.27 16.39
CA SER A 330 14.61 -30.07 15.55
C SER A 330 15.10 -28.82 16.29
N ARG A 331 14.83 -28.72 17.60
CA ARG A 331 15.28 -27.58 18.40
C ARG A 331 16.77 -27.69 18.72
N GLN A 332 17.43 -26.53 18.84
CA GLN A 332 18.87 -26.48 19.12
C GLN A 332 19.17 -26.37 20.61
N ASP A 333 18.32 -25.65 21.33
CA ASP A 333 18.45 -25.56 22.77
C ASP A 333 17.08 -25.35 23.40
N MET A 334 16.33 -26.44 23.46
CA MET A 334 15.07 -26.47 24.20
C MET A 334 15.38 -26.80 25.64
N PRO A 335 14.81 -26.04 26.59
CA PRO A 335 15.04 -26.34 28.01
C PRO A 335 14.59 -27.75 28.39
N SER A 336 15.29 -28.35 29.36
CA SER A 336 14.92 -29.66 29.86
C SER A 336 13.53 -29.64 30.50
N GLU A 337 13.20 -28.54 31.19
CA GLU A 337 11.85 -28.36 31.76
C GLU A 337 10.73 -28.35 30.71
N ASP A 338 11.04 -27.84 29.53
CA ASP A 338 10.07 -27.76 28.42
C ASP A 338 9.84 -29.13 27.80
N VAL A 339 10.91 -29.91 27.63
CA VAL A 339 10.81 -31.30 27.15
C VAL A 339 9.87 -32.11 28.05
N VAL A 340 9.96 -31.86 29.35
CA VAL A 340 9.14 -32.55 30.36
C VAL A 340 7.70 -31.97 30.37
N SER A 341 7.54 -30.67 30.13
CA SER A 341 6.21 -30.06 29.97
C SER A 341 5.40 -30.71 28.84
N LEU A 342 6.11 -31.20 27.82
CA LEU A 342 5.50 -31.96 26.73
C LEU A 342 5.13 -33.40 27.15
N GLN A 343 6.00 -34.06 27.93
CA GLN A 343 5.70 -35.39 28.47
C GLN A 343 4.45 -35.37 29.33
N VAL A 344 4.19 -34.25 29.99
CA VAL A 344 2.97 -34.05 30.77
C VAL A 344 1.74 -34.11 29.86
N SER A 345 1.74 -33.31 28.79
CA SER A 345 0.59 -33.29 27.88
C SER A 345 0.41 -34.59 27.09
N LEU A 346 1.49 -35.32 26.80
CA LEU A 346 1.40 -36.67 26.21
C LEU A 346 0.67 -37.65 27.12
N ILE A 347 0.95 -37.58 28.42
CA ILE A 347 0.21 -38.36 29.42
C ILE A 347 -1.23 -37.89 29.40
N ASN A 348 -1.45 -36.60 29.66
CA ASN A 348 -2.80 -36.01 29.68
C ASN A 348 -3.65 -36.36 28.43
N LEU A 349 -3.02 -36.43 27.27
CA LEU A 349 -3.66 -36.87 26.02
C LEU A 349 -4.10 -38.33 26.13
N ALA A 350 -3.15 -39.21 26.46
CA ALA A 350 -3.41 -40.63 26.64
C ALA A 350 -4.47 -40.92 27.72
N MET A 351 -4.55 -40.09 28.76
CA MET A 351 -5.54 -40.26 29.83
C MET A 351 -6.96 -39.93 29.35
N LYS A 352 -7.11 -38.80 28.65
CA LYS A 352 -8.43 -38.33 28.20
C LYS A 352 -8.93 -38.94 26.88
N CYS A 353 -8.00 -39.37 26.02
CA CYS A 353 -8.33 -40.02 24.73
C CYS A 353 -8.40 -41.53 24.80
N TYR A 354 -7.64 -42.14 25.71
CA TYR A 354 -7.60 -43.60 25.89
C TYR A 354 -7.47 -44.01 27.38
N PRO A 355 -8.51 -43.73 28.21
CA PRO A 355 -8.40 -44.07 29.65
C PRO A 355 -8.09 -45.55 29.92
N ASP A 356 -8.81 -46.42 29.21
CA ASP A 356 -8.59 -47.87 29.17
C ASP A 356 -7.12 -48.33 29.01
N ARG A 357 -6.39 -47.67 28.11
CA ARG A 357 -5.04 -48.10 27.73
C ARG A 357 -3.98 -47.52 28.67
N VAL A 358 -3.71 -48.27 29.73
CA VAL A 358 -2.73 -47.89 30.77
C VAL A 358 -1.29 -48.03 30.25
N ASP A 359 -1.06 -49.04 29.39
CA ASP A 359 0.23 -49.26 28.72
C ASP A 359 0.82 -48.00 28.09
N TYR A 360 -0.05 -47.15 27.54
CA TYR A 360 0.35 -45.85 26.96
C TYR A 360 0.93 -44.90 28.02
N VAL A 361 0.23 -44.77 29.15
CA VAL A 361 0.68 -43.90 30.25
C VAL A 361 2.06 -44.32 30.74
N ASP A 362 2.29 -45.64 30.81
CA ASP A 362 3.60 -46.17 31.20
C ASP A 362 4.68 -45.97 30.12
N LYS A 363 4.28 -45.95 28.84
CA LYS A 363 5.24 -45.68 27.75
C LYS A 363 5.77 -44.25 27.74
N VAL A 364 4.94 -43.29 28.16
CA VAL A 364 5.40 -41.91 28.30
C VAL A 364 6.40 -41.84 29.45
N LEU A 365 6.03 -42.48 30.57
CA LEU A 365 6.89 -42.57 31.75
C LEU A 365 8.20 -43.31 31.45
N GLU A 366 8.11 -44.41 30.68
CA GLU A 366 9.30 -45.15 30.23
C GLU A 366 10.19 -44.27 29.38
N THR A 367 9.57 -43.51 28.48
CA THR A 367 10.28 -42.56 27.60
C THR A 367 10.87 -41.40 28.40
N THR A 368 10.15 -40.92 29.41
CA THR A 368 10.65 -39.88 30.31
C THR A 368 11.93 -40.37 31.01
N VAL A 369 11.91 -41.60 31.53
CA VAL A 369 13.11 -42.23 32.14
C VAL A 369 14.29 -42.18 31.15
N GLU A 370 14.07 -42.69 29.95
CA GLU A 370 15.09 -42.67 28.88
C GLU A 370 15.62 -41.26 28.65
N ILE A 371 14.73 -40.26 28.66
CA ILE A 371 15.11 -38.83 28.53
C ILE A 371 16.02 -38.37 29.67
N PHE A 372 15.57 -38.59 30.90
CA PHE A 372 16.37 -38.28 32.09
C PHE A 372 17.69 -39.06 32.12
N ASN A 373 17.65 -40.31 31.67
CA ASN A 373 18.83 -41.17 31.59
C ASN A 373 19.80 -40.69 30.50
N LYS A 374 19.25 -40.36 29.33
CA LYS A 374 20.02 -39.85 28.19
C LYS A 374 20.76 -38.57 28.55
N LEU A 375 20.05 -37.64 29.19
CA LEU A 375 20.67 -36.43 29.74
C LEU A 375 21.57 -36.84 30.91
N ASN A 376 22.86 -36.61 30.78
CA ASN A 376 23.83 -36.89 31.84
C ASN A 376 23.61 -35.88 33.00
N LEU A 377 22.55 -36.12 33.78
CA LEU A 377 22.02 -35.12 34.69
C LEU A 377 22.68 -35.12 36.07
N GLU A 378 23.17 -33.95 36.47
CA GLU A 378 23.57 -33.71 37.85
C GLU A 378 22.30 -33.71 38.71
N HIS A 379 22.46 -34.03 40.00
CA HIS A 379 21.33 -34.15 40.96
C HIS A 379 20.35 -32.98 40.81
N ILE A 380 19.06 -33.27 40.66
CA ILE A 380 18.04 -32.27 40.34
C ILE A 380 17.36 -31.76 41.60
N ALA A 381 17.53 -30.48 41.90
CA ALA A 381 16.97 -29.87 43.10
C ALA A 381 15.46 -29.73 43.01
N THR A 382 14.80 -29.63 44.15
CA THR A 382 13.36 -29.37 44.21
C THR A 382 13.03 -27.95 43.72
N SER A 383 13.95 -27.02 43.93
CA SER A 383 13.83 -25.64 43.41
C SER A 383 13.94 -25.53 41.86
N SER A 384 14.62 -26.49 41.23
CA SER A 384 14.73 -26.56 39.76
C SER A 384 13.35 -26.70 39.09
N ALA A 385 13.22 -26.16 37.87
CA ALA A 385 11.97 -26.22 37.10
C ALA A 385 11.67 -27.62 36.57
N VAL A 386 12.71 -28.40 36.30
CA VAL A 386 12.57 -29.79 35.85
C VAL A 386 11.80 -30.59 36.90
N SER A 387 12.25 -30.47 38.16
CA SER A 387 11.58 -31.11 39.31
C SER A 387 10.14 -30.64 39.48
N LYS A 388 9.89 -29.35 39.26
CA LYS A 388 8.51 -28.83 39.24
C LYS A 388 7.63 -29.59 38.25
N GLU A 389 8.17 -29.82 37.04
CA GLU A 389 7.41 -30.50 35.97
C GLU A 389 7.27 -32.01 36.18
N LEU A 390 8.36 -32.67 36.57
CA LEU A 390 8.34 -34.11 36.87
C LEU A 390 7.37 -34.44 38.00
N THR A 391 7.30 -33.57 39.00
CA THR A 391 6.28 -33.66 40.06
C THR A 391 4.87 -33.54 39.48
N ARG A 392 4.63 -32.51 38.67
CA ARG A 392 3.32 -32.29 38.05
C ARG A 392 2.95 -33.43 37.09
N LEU A 393 3.95 -34.04 36.46
CA LEU A 393 3.77 -35.19 35.57
C LEU A 393 3.27 -36.40 36.34
N LEU A 394 4.00 -36.77 37.40
CA LEU A 394 3.65 -37.92 38.22
C LEU A 394 2.35 -37.73 39.00
N LYS A 395 2.03 -36.49 39.35
CA LYS A 395 0.78 -36.17 40.07
C LYS A 395 -0.50 -36.35 39.25
N ILE A 396 -0.41 -36.35 37.92
CA ILE A 396 -1.59 -36.45 37.05
C ILE A 396 -2.26 -37.85 37.06
N PRO A 397 -1.48 -38.93 36.86
CA PRO A 397 -2.02 -40.29 37.07
C PRO A 397 -2.64 -40.53 38.47
N VAL A 398 -1.98 -40.01 39.50
CA VAL A 398 -2.42 -40.13 40.91
C VAL A 398 -3.71 -39.33 41.15
N ASP A 399 -3.74 -38.08 40.67
CA ASP A 399 -4.91 -37.21 40.84
C ASP A 399 -6.12 -37.61 39.98
N THR A 400 -5.89 -38.16 38.80
CA THR A 400 -6.95 -38.35 37.80
C THR A 400 -7.62 -39.75 37.77
N TYR A 401 -6.88 -40.82 38.08
CA TYR A 401 -7.45 -42.18 38.08
C TYR A 401 -8.44 -42.40 39.24
N ASN A 402 -9.44 -43.26 39.00
CA ASN A 402 -10.45 -43.61 40.02
C ASN A 402 -9.84 -44.48 41.10
N ASN A 403 -9.29 -45.61 40.67
CA ASN A 403 -8.67 -46.58 41.57
C ASN A 403 -7.17 -46.31 41.56
N ILE A 404 -6.63 -45.95 42.72
CA ILE A 404 -5.19 -45.63 42.85
C ILE A 404 -4.32 -46.90 42.82
N LEU A 405 -4.91 -48.07 43.03
CA LEU A 405 -4.23 -49.35 42.77
C LEU A 405 -3.64 -49.40 41.36
N THR A 406 -4.39 -48.89 40.38
CA THR A 406 -3.97 -48.89 38.97
C THR A 406 -2.63 -48.15 38.71
N VAL A 407 -2.36 -47.14 39.54
CA VAL A 407 -1.10 -46.39 39.47
C VAL A 407 0.06 -47.26 39.96
N LEU A 408 -0.18 -48.03 41.03
CA LEU A 408 0.84 -48.95 41.56
C LEU A 408 1.23 -50.04 40.56
N LYS A 409 0.32 -50.37 39.65
CA LYS A 409 0.59 -51.37 38.60
C LYS A 409 1.54 -50.88 37.49
N LEU A 410 1.78 -49.57 37.39
CA LEU A 410 2.72 -49.00 36.41
C LEU A 410 4.17 -49.37 36.71
N LYS A 411 4.85 -49.96 35.74
CA LYS A 411 6.24 -50.44 35.91
C LYS A 411 7.28 -49.31 35.99
N HIS A 412 7.06 -48.21 35.27
CA HIS A 412 8.05 -47.13 35.13
C HIS A 412 7.67 -45.85 35.90
N PHE A 413 6.64 -45.92 36.73
CA PHE A 413 6.23 -44.81 37.60
C PHE A 413 7.29 -44.51 38.67
N HIS A 414 7.74 -45.56 39.35
CA HIS A 414 8.70 -45.42 40.44
C HIS A 414 10.13 -45.09 39.98
N PRO A 415 10.66 -45.75 38.93
CA PRO A 415 12.04 -45.43 38.49
C PRO A 415 12.37 -43.94 38.27
N LEU A 416 11.36 -43.11 38.00
CA LEU A 416 11.51 -41.64 37.93
C LEU A 416 11.80 -40.96 39.27
N PHE A 417 11.54 -41.64 40.39
CA PHE A 417 11.85 -41.11 41.72
C PHE A 417 13.37 -41.02 41.95
N GLU A 418 14.15 -41.89 41.30
CA GLU A 418 15.63 -41.84 41.33
C GLU A 418 16.19 -40.43 41.07
N TYR A 419 15.62 -39.74 40.09
CA TYR A 419 16.15 -38.45 39.60
C TYR A 419 15.71 -37.21 40.42
N PHE A 420 14.82 -37.38 41.38
CA PHE A 420 14.44 -36.30 42.31
C PHE A 420 15.56 -35.90 43.27
N ASP A 421 15.31 -34.83 44.03
CA ASP A 421 16.12 -34.45 45.20
C ASP A 421 15.77 -35.42 46.35
N TYR A 422 16.56 -35.40 47.42
CA TYR A 422 16.19 -36.08 48.67
C TYR A 422 14.88 -35.54 49.24
N GLU A 423 14.69 -34.22 49.13
CA GLU A 423 13.49 -33.53 49.63
C GLU A 423 12.21 -33.92 48.87
N SER A 424 12.32 -34.09 47.56
CA SER A 424 11.16 -34.39 46.70
C SER A 424 10.74 -35.87 46.73
N ARG A 425 11.69 -36.79 46.96
CA ARG A 425 11.37 -38.20 47.20
C ARG A 425 10.48 -38.36 48.43
N LYS A 426 10.90 -37.70 49.51
CA LYS A 426 10.17 -37.67 50.79
C LYS A 426 8.76 -37.05 50.64
N SER A 427 8.69 -35.97 49.86
CA SER A 427 7.42 -35.28 49.56
C SER A 427 6.50 -36.10 48.66
N MET A 428 7.05 -36.68 47.59
CA MET A 428 6.27 -37.41 46.58
C MET A 428 5.84 -38.79 47.08
N SER A 429 6.75 -39.52 47.72
CA SER A 429 6.43 -40.81 48.35
C SER A 429 5.28 -40.67 49.34
N CYS A 430 5.36 -39.63 50.17
CA CYS A 430 4.30 -39.28 51.11
C CYS A 430 2.98 -39.02 50.39
N TYR A 431 3.04 -38.19 49.35
CA TYR A 431 1.85 -37.79 48.57
C TYR A 431 1.07 -38.97 47.95
N VAL A 432 1.78 -39.99 47.47
CA VAL A 432 1.15 -41.18 46.89
C VAL A 432 0.55 -42.05 48.00
N LEU A 433 1.39 -42.42 48.96
CA LEU A 433 0.99 -43.27 50.09
C LEU A 433 -0.16 -42.63 50.88
N SER A 434 -0.13 -41.30 51.02
CA SER A 434 -1.23 -40.52 51.61
C SER A 434 -2.57 -40.76 50.92
N ASN A 435 -2.56 -40.79 49.60
CA ASN A 435 -3.78 -40.98 48.81
C ASN A 435 -4.33 -42.41 48.92
N VAL A 436 -3.44 -43.39 49.12
CA VAL A 436 -3.81 -44.81 49.27
C VAL A 436 -4.60 -45.07 50.58
N LEU A 437 -4.41 -44.20 51.58
CA LEU A 437 -5.15 -44.26 52.84
C LEU A 437 -6.42 -43.41 52.80
N ASP A 438 -6.32 -42.20 52.26
CA ASP A 438 -7.46 -41.27 52.13
C ASP A 438 -8.67 -41.89 51.42
N TYR A 439 -8.41 -42.77 50.46
CA TYR A 439 -9.39 -43.70 49.90
C TYR A 439 -8.96 -45.11 50.30
N ASN A 440 -9.88 -45.89 50.84
CA ASN A 440 -9.54 -47.18 51.48
C ASN A 440 -8.90 -48.19 50.53
N THR A 441 -8.19 -49.15 51.12
CA THR A 441 -7.41 -50.14 50.38
C THR A 441 -8.16 -51.47 50.29
N GLU A 442 -8.18 -52.05 49.08
CA GLU A 442 -8.57 -53.45 48.89
C GLU A 442 -7.31 -54.32 48.97
N ILE A 443 -7.49 -55.64 48.97
CA ILE A 443 -6.34 -56.55 48.99
C ILE A 443 -5.48 -56.30 47.76
N VAL A 444 -4.18 -56.20 47.99
CA VAL A 444 -3.24 -55.76 46.99
C VAL A 444 -2.67 -57.01 46.29
N SER A 445 -2.55 -56.92 44.97
CA SER A 445 -2.05 -58.02 44.15
C SER A 445 -0.52 -58.10 44.23
N GLN A 446 0.06 -59.17 43.70
CA GLN A 446 1.49 -59.50 43.89
C GLN A 446 2.45 -58.37 43.46
N ASP A 447 2.30 -57.90 42.23
CA ASP A 447 3.09 -56.78 41.69
C ASP A 447 2.92 -55.49 42.50
N GLN A 448 1.69 -55.27 43.00
CA GLN A 448 1.34 -54.04 43.73
C GLN A 448 1.71 -54.07 45.23
N VAL A 449 1.86 -55.25 45.81
CA VAL A 449 2.44 -55.43 47.17
C VAL A 449 3.88 -54.91 47.15
N ASP A 450 4.62 -55.29 46.11
CA ASP A 450 5.99 -54.85 45.88
C ASP A 450 6.11 -53.32 45.73
N SER A 451 5.14 -52.70 45.05
CA SER A 451 5.12 -51.26 44.80
C SER A 451 5.04 -50.41 46.06
N ILE A 452 4.23 -50.83 47.03
CA ILE A 452 3.96 -50.03 48.23
C ILE A 452 5.20 -49.96 49.12
N MET A 453 5.92 -51.07 49.23
CA MET A 453 7.18 -51.12 50.00
C MET A 453 8.29 -50.30 49.33
N ASN A 454 8.34 -50.31 48.00
CA ASN A 454 9.25 -49.43 47.25
C ASN A 454 8.99 -47.95 47.51
N LEU A 455 7.72 -47.58 47.66
CA LEU A 455 7.34 -46.21 48.01
C LEU A 455 7.72 -45.85 49.45
N VAL A 456 7.58 -46.79 50.37
CA VAL A 456 8.00 -46.57 51.76
C VAL A 456 9.52 -46.44 51.86
N SER A 457 10.27 -47.24 51.09
CA SER A 457 11.74 -47.22 51.13
C SER A 457 12.33 -45.86 50.78
N THR A 458 11.75 -45.21 49.77
CA THR A 458 12.16 -43.85 49.37
C THR A 458 11.70 -42.77 50.37
N LEU A 459 10.60 -43.01 51.09
CA LEU A 459 10.11 -42.08 52.13
C LEU A 459 11.02 -42.01 53.37
N ILE A 460 11.47 -43.16 53.86
CA ILE A 460 12.31 -43.22 55.08
C ILE A 460 13.81 -43.00 54.81
N GLN A 461 14.31 -43.50 53.68
CA GLN A 461 15.73 -43.43 53.35
C GLN A 461 16.02 -42.23 52.47
N PHE B 8 -27.33 58.48 -28.46
CA PHE B 8 -27.65 57.84 -29.78
C PHE B 8 -27.60 56.30 -29.72
N GLY B 9 -26.40 55.75 -29.59
CA GLY B 9 -26.18 54.29 -29.68
C GLY B 9 -25.50 53.90 -30.99
N PRO B 10 -25.71 52.65 -31.47
CA PRO B 10 -25.27 52.26 -32.81
C PRO B 10 -26.41 52.41 -33.83
N ILE B 11 -26.09 52.80 -35.05
CA ILE B 11 -27.10 52.95 -36.12
C ILE B 11 -27.66 51.61 -36.60
N CYS B 12 -26.86 50.56 -36.46
CA CYS B 12 -27.22 49.25 -36.97
C CYS B 12 -26.56 48.16 -36.12
N GLU B 13 -27.25 47.04 -35.94
CA GLU B 13 -26.71 45.89 -35.20
C GLU B 13 -26.75 44.62 -36.01
N ILE B 14 -25.59 43.98 -36.14
CA ILE B 14 -25.43 42.76 -36.94
C ILE B 14 -25.64 41.53 -36.06
N ASP B 15 -26.50 40.62 -36.51
CA ASP B 15 -26.77 39.37 -35.81
C ASP B 15 -26.78 38.22 -36.81
N ILE B 16 -26.05 37.16 -36.51
CA ILE B 16 -26.00 35.96 -37.35
C ILE B 16 -26.86 34.86 -36.73
N VAL B 17 -27.63 34.17 -37.57
CA VAL B 17 -28.52 33.09 -37.16
C VAL B 17 -28.38 31.94 -38.16
N LEU B 18 -27.75 30.85 -37.72
CA LEU B 18 -27.55 29.67 -38.56
C LEU B 18 -28.86 28.97 -38.86
N ASN B 19 -28.98 28.44 -40.08
CA ASN B 19 -30.19 27.73 -40.52
C ASN B 19 -30.56 26.55 -39.63
N ASP B 20 -29.56 25.87 -39.10
CA ASP B 20 -29.77 24.74 -38.17
C ASP B 20 -29.46 25.16 -36.72
N GLY B 21 -29.92 26.35 -36.33
CA GLY B 21 -29.61 26.92 -35.02
C GLY B 21 -30.40 26.34 -33.85
N GLU B 22 -31.36 25.46 -34.14
CA GLU B 22 -32.17 24.80 -33.13
C GLU B 22 -31.60 23.43 -32.83
N THR B 23 -31.45 22.63 -33.89
CA THR B 23 -31.02 21.24 -33.78
C THR B 23 -29.50 21.05 -33.56
N ARG B 24 -28.67 22.00 -34.02
CA ARG B 24 -27.21 21.81 -34.00
C ARG B 24 -26.64 21.79 -32.57
N LYS B 25 -25.70 20.87 -32.36
CA LYS B 25 -25.07 20.68 -31.07
C LYS B 25 -24.02 21.77 -30.81
N MET B 26 -23.91 22.20 -29.56
CA MET B 26 -22.88 23.16 -29.14
C MET B 26 -21.79 22.46 -28.33
N ALA B 27 -20.70 23.18 -28.07
CA ALA B 27 -19.56 22.67 -27.28
C ALA B 27 -18.93 23.81 -26.50
N GLU B 28 -18.11 23.46 -25.50
CA GLU B 28 -17.57 24.45 -24.55
C GLU B 28 -16.06 24.64 -24.75
N MET B 29 -15.54 25.77 -24.28
CA MET B 29 -14.11 26.12 -24.40
C MET B 29 -13.60 26.84 -23.14
N LYS B 30 -12.61 26.24 -22.46
CA LYS B 30 -11.96 26.89 -21.31
C LYS B 30 -11.01 28.03 -21.74
N THR B 31 -11.39 29.27 -21.45
CA THR B 31 -10.56 30.45 -21.76
C THR B 31 -9.81 30.91 -20.49
N GLU B 32 -9.20 32.10 -20.51
CA GLU B 32 -8.42 32.62 -19.35
C GLU B 32 -9.28 32.94 -18.11
N ASP B 33 -8.69 32.74 -16.93
CA ASP B 33 -9.34 32.95 -15.63
C ASP B 33 -10.53 32.02 -15.38
N GLY B 34 -10.49 30.81 -15.96
CA GLY B 34 -11.52 29.80 -15.77
C GLY B 34 -12.88 30.02 -16.42
N LYS B 35 -12.98 30.95 -17.38
CA LYS B 35 -14.25 31.24 -18.08
C LYS B 35 -14.54 30.14 -19.10
N VAL B 36 -15.82 29.87 -19.32
CA VAL B 36 -16.25 28.82 -20.24
C VAL B 36 -17.25 29.39 -21.24
N GLU B 37 -16.82 29.51 -22.50
CA GLU B 37 -17.68 29.93 -23.60
C GLU B 37 -18.35 28.73 -24.26
N LYS B 38 -19.50 28.98 -24.88
CA LYS B 38 -20.26 27.95 -25.58
C LYS B 38 -20.63 28.43 -26.98
N HIS B 39 -20.06 27.78 -27.99
CA HIS B 39 -20.31 28.10 -29.39
C HIS B 39 -20.79 26.86 -30.11
N TYR B 40 -21.36 27.04 -31.30
CA TYR B 40 -21.83 25.90 -32.11
C TYR B 40 -20.67 24.99 -32.53
N LEU B 41 -20.98 23.70 -32.70
CA LEU B 41 -19.97 22.71 -33.06
C LEU B 41 -20.07 22.38 -34.55
N PHE B 42 -18.92 22.34 -35.20
CA PHE B 42 -18.83 22.02 -36.63
C PHE B 42 -17.72 21.00 -36.86
N TYR B 43 -17.77 20.37 -38.03
CA TYR B 43 -16.81 19.34 -38.42
C TYR B 43 -16.30 19.62 -39.81
N ASP B 44 -15.02 19.30 -40.02
CA ASP B 44 -14.42 19.34 -41.36
C ASP B 44 -15.37 18.74 -42.38
N GLY B 45 -15.63 19.48 -43.45
CA GLY B 45 -16.51 19.03 -44.53
C GLY B 45 -17.92 19.59 -44.49
N GLU B 46 -18.42 19.98 -43.32
CA GLU B 46 -19.79 20.50 -43.18
C GLU B 46 -19.96 21.86 -43.85
N SER B 47 -21.18 22.10 -44.34
CA SER B 47 -21.53 23.41 -44.88
C SER B 47 -22.03 24.31 -43.75
N VAL B 48 -21.59 25.57 -43.79
CA VAL B 48 -22.07 26.63 -42.90
C VAL B 48 -23.01 27.52 -43.70
N SER B 49 -24.22 27.68 -43.21
CA SER B 49 -25.20 28.51 -43.89
C SER B 49 -26.17 29.10 -42.88
N GLY B 50 -26.76 30.24 -43.24
CA GLY B 50 -27.66 30.96 -42.35
C GLY B 50 -28.14 32.30 -42.89
N LYS B 51 -28.43 33.20 -41.96
CA LYS B 51 -28.91 34.54 -42.27
C LYS B 51 -28.13 35.58 -41.48
N VAL B 52 -27.73 36.65 -42.17
CA VAL B 52 -27.21 37.86 -41.54
C VAL B 52 -28.38 38.81 -41.38
N ASN B 53 -28.76 39.12 -40.14
CA ASN B 53 -29.91 40.00 -39.88
C ASN B 53 -29.44 41.34 -39.35
N LEU B 54 -29.68 42.39 -40.14
CA LEU B 54 -29.33 43.75 -39.75
C LEU B 54 -30.52 44.45 -39.10
N ALA B 55 -30.45 44.62 -37.78
CA ALA B 55 -31.44 45.41 -37.06
C ALA B 55 -31.12 46.89 -37.24
N PHE B 56 -32.02 47.62 -37.88
CA PHE B 56 -31.88 49.05 -38.02
C PHE B 56 -32.50 49.76 -36.81
N LYS B 57 -31.68 50.50 -36.08
CA LYS B 57 -32.05 51.04 -34.76
C LYS B 57 -32.54 52.49 -34.76
N GLN B 58 -31.98 53.35 -35.62
CA GLN B 58 -32.32 54.77 -35.64
C GLN B 58 -33.31 55.11 -36.77
N PRO B 59 -34.63 55.03 -36.50
CA PRO B 59 -35.61 55.32 -37.57
C PRO B 59 -35.64 56.82 -37.93
N GLY B 60 -35.62 57.11 -39.23
CA GLY B 60 -35.39 58.47 -39.72
C GLY B 60 -34.03 58.58 -40.40
N LYS B 61 -32.99 58.02 -39.77
CA LYS B 61 -31.63 58.07 -40.31
C LYS B 61 -31.39 57.04 -41.42
N ARG B 62 -30.26 57.21 -42.12
CA ARG B 62 -29.86 56.33 -43.23
C ARG B 62 -28.40 55.93 -43.10
N LEU B 63 -28.09 54.72 -43.55
CA LEU B 63 -26.75 54.15 -43.44
C LEU B 63 -26.13 53.98 -44.82
N GLU B 64 -25.14 54.84 -45.12
CA GLU B 64 -24.44 54.81 -46.40
C GLU B 64 -23.22 53.89 -46.26
N HIS B 65 -23.16 52.85 -47.09
CA HIS B 65 -22.06 51.87 -47.05
C HIS B 65 -21.47 51.66 -48.42
N GLN B 66 -20.25 51.13 -48.45
CA GLN B 66 -19.57 50.74 -49.70
C GLN B 66 -19.42 49.22 -49.82
N GLY B 67 -20.41 48.52 -49.29
CA GLY B 67 -20.64 47.10 -49.54
C GLY B 67 -20.68 46.31 -48.24
N ILE B 68 -21.49 45.26 -48.24
CA ILE B 68 -21.62 44.35 -47.12
C ILE B 68 -21.13 43.00 -47.60
N ARG B 69 -20.37 42.32 -46.74
CA ARG B 69 -19.90 40.96 -46.99
C ARG B 69 -19.99 40.12 -45.71
N ILE B 70 -19.88 38.80 -45.87
CA ILE B 70 -19.69 37.86 -44.76
C ILE B 70 -18.53 36.92 -45.08
N GLU B 71 -17.67 36.67 -44.10
CA GLU B 71 -16.50 35.81 -44.28
C GLU B 71 -16.55 34.65 -43.29
N PHE B 72 -16.21 33.45 -43.75
CA PHE B 72 -15.89 32.35 -42.85
C PHE B 72 -14.39 32.37 -42.70
N VAL B 73 -13.92 32.36 -41.46
CA VAL B 73 -12.50 32.53 -41.15
C VAL B 73 -12.06 31.47 -40.16
N GLY B 74 -10.92 30.85 -40.45
CA GLY B 74 -10.23 29.98 -39.51
C GLY B 74 -8.80 30.46 -39.45
N GLN B 75 -8.28 30.70 -38.26
CA GLN B 75 -6.96 31.33 -38.11
C GLN B 75 -6.25 30.93 -36.83
N ILE B 76 -4.94 31.22 -36.79
CA ILE B 76 -4.06 30.89 -35.68
C ILE B 76 -3.36 32.15 -35.16
N GLU B 77 -3.66 32.52 -33.91
CA GLU B 77 -3.17 33.74 -33.27
C GLU B 77 -2.06 33.38 -32.28
N LEU B 78 -0.92 34.06 -32.36
CA LEU B 78 0.23 33.73 -31.51
C LEU B 78 0.62 34.91 -30.59
N PHE B 79 0.78 34.64 -29.29
CA PHE B 79 1.21 35.64 -28.28
C PHE B 79 0.30 36.87 -28.14
N ASN B 80 -0.98 36.73 -28.50
CA ASN B 80 -1.96 37.83 -28.57
C ASN B 80 -1.54 39.04 -29.45
N ASP B 81 -0.64 38.77 -30.39
CA ASP B 81 0.03 39.78 -31.20
C ASP B 81 -0.76 39.86 -32.50
N LYS B 82 -1.54 40.93 -32.70
CA LYS B 82 -2.37 41.05 -33.90
C LYS B 82 -1.58 40.91 -35.20
N SER B 83 -0.34 41.40 -35.21
CA SER B 83 0.54 41.27 -36.38
C SER B 83 0.99 39.84 -36.68
N ASN B 84 0.80 38.94 -35.72
CA ASN B 84 1.19 37.54 -35.82
C ASN B 84 -0.01 36.58 -35.99
N THR B 85 -1.14 37.09 -36.45
CA THR B 85 -2.29 36.26 -36.81
C THR B 85 -2.06 35.68 -38.22
N HIS B 86 -2.50 34.43 -38.42
CA HIS B 86 -2.31 33.72 -39.70
C HIS B 86 -3.59 32.96 -40.09
N GLU B 87 -4.23 33.39 -41.18
CA GLU B 87 -5.47 32.76 -41.66
C GLU B 87 -5.17 31.58 -42.55
N PHE B 88 -5.63 30.39 -42.14
CA PHE B 88 -5.49 29.17 -42.93
C PHE B 88 -6.74 28.81 -43.74
N VAL B 89 -7.89 29.43 -43.42
CA VAL B 89 -9.10 29.32 -44.23
C VAL B 89 -9.81 30.68 -44.29
N ASN B 90 -10.12 31.12 -45.50
CA ASN B 90 -10.91 32.34 -45.75
C ASN B 90 -11.83 32.17 -46.95
N LEU B 91 -13.14 32.31 -46.71
CA LEU B 91 -14.18 32.27 -47.77
C LEU B 91 -15.05 33.53 -47.65
N VAL B 92 -15.43 34.13 -48.78
CA VAL B 92 -16.20 35.38 -48.78
C VAL B 92 -17.50 35.20 -49.52
N LYS B 93 -18.58 35.81 -49.01
CA LYS B 93 -19.84 35.95 -49.76
C LYS B 93 -20.26 37.39 -49.70
N GLU B 94 -20.21 38.07 -50.86
CA GLU B 94 -20.61 39.45 -50.94
C GLU B 94 -22.13 39.48 -50.82
N LEU B 95 -22.64 40.22 -49.85
CA LEU B 95 -24.07 40.24 -49.53
C LEU B 95 -24.80 41.42 -50.16
N ALA B 96 -24.16 42.59 -50.18
CA ALA B 96 -24.72 43.80 -50.79
C ALA B 96 -23.65 44.64 -51.46
N LEU B 97 -24.01 45.22 -52.61
CA LEU B 97 -23.16 46.22 -53.27
C LEU B 97 -23.25 47.56 -52.53
N PRO B 98 -22.30 48.49 -52.79
CA PRO B 98 -22.39 49.84 -52.25
C PRO B 98 -23.78 50.46 -52.42
N GLY B 99 -24.29 51.07 -51.36
CA GLY B 99 -25.66 51.56 -51.36
C GLY B 99 -26.06 52.20 -50.05
N GLU B 100 -27.34 52.06 -49.69
CA GLU B 100 -27.89 52.58 -48.45
C GLU B 100 -28.64 51.51 -47.66
N LEU B 101 -28.98 51.84 -46.42
CA LEU B 101 -29.95 51.09 -45.65
C LEU B 101 -30.80 52.08 -44.86
N THR B 102 -32.09 52.12 -45.15
CA THR B 102 -33.03 52.91 -44.36
C THR B 102 -33.72 52.06 -43.28
N GLN B 103 -33.97 50.78 -43.56
CA GLN B 103 -34.66 49.87 -42.65
C GLN B 103 -33.91 48.57 -42.46
N SER B 104 -34.41 47.72 -41.57
CA SER B 104 -33.84 46.41 -41.31
C SER B 104 -33.94 45.50 -42.52
N ARG B 105 -32.97 44.62 -42.67
CA ARG B 105 -32.91 43.68 -43.80
C ARG B 105 -32.09 42.46 -43.41
N SER B 106 -32.44 41.31 -43.98
CA SER B 106 -31.65 40.10 -43.81
C SER B 106 -31.01 39.68 -45.13
N TYR B 107 -29.99 38.84 -45.02
CA TYR B 107 -29.26 38.32 -46.18
C TYR B 107 -28.95 36.85 -45.94
N ASP B 108 -29.30 36.00 -46.91
CA ASP B 108 -28.91 34.59 -46.90
C ASP B 108 -27.42 34.43 -47.22
N PHE B 109 -26.79 33.45 -46.58
CA PHE B 109 -25.44 33.00 -46.98
C PHE B 109 -25.33 31.48 -46.86
N GLU B 110 -24.45 30.90 -47.67
CA GLU B 110 -24.07 29.48 -47.57
C GLU B 110 -22.65 29.33 -48.04
N PHE B 111 -21.82 28.67 -47.23
CA PHE B 111 -20.48 28.27 -47.63
C PHE B 111 -20.53 26.76 -47.83
N MET B 112 -20.33 26.34 -49.08
CA MET B 112 -20.46 24.93 -49.46
C MET B 112 -19.32 24.07 -48.92
N GLN B 113 -19.68 22.99 -48.22
CA GLN B 113 -18.75 21.95 -47.77
C GLN B 113 -17.38 22.48 -47.33
N VAL B 114 -17.39 23.19 -46.21
CA VAL B 114 -16.27 24.02 -45.78
C VAL B 114 -15.16 23.18 -45.17
N GLU B 115 -13.93 23.33 -45.70
CA GLU B 115 -12.75 22.66 -45.14
C GLU B 115 -12.32 23.31 -43.82
N LYS B 116 -12.16 22.48 -42.79
CA LYS B 116 -11.76 22.92 -41.45
C LYS B 116 -10.69 21.96 -40.92
N PRO B 117 -9.46 22.07 -41.44
CA PRO B 117 -8.42 21.05 -41.24
C PRO B 117 -7.96 20.84 -39.82
N TYR B 118 -8.19 21.81 -38.93
CA TYR B 118 -7.68 21.77 -37.57
C TYR B 118 -8.79 21.91 -36.53
N GLU B 119 -8.48 21.46 -35.31
CA GLU B 119 -9.37 21.56 -34.18
C GLU B 119 -9.13 22.88 -33.43
N SER B 120 -10.22 23.48 -32.95
CA SER B 120 -10.17 24.71 -32.19
C SER B 120 -9.38 24.50 -30.90
N TYR B 121 -8.55 25.47 -30.52
CA TYR B 121 -7.72 25.39 -29.31
C TYR B 121 -7.39 26.77 -28.76
N ILE B 122 -7.54 26.93 -27.45
CA ILE B 122 -7.15 28.15 -26.76
C ILE B 122 -6.11 27.75 -25.73
N GLY B 123 -4.90 28.26 -25.89
CA GLY B 123 -3.77 27.94 -25.02
C GLY B 123 -3.19 29.16 -24.33
N ALA B 124 -1.89 29.09 -24.01
CA ALA B 124 -1.16 30.20 -23.38
C ALA B 124 -0.70 31.20 -24.44
N ASN B 125 0.12 30.69 -25.36
CA ASN B 125 0.70 31.50 -26.43
C ASN B 125 0.07 31.24 -27.79
N VAL B 126 -1.04 30.50 -27.83
CA VAL B 126 -1.69 30.13 -29.09
C VAL B 126 -3.20 30.13 -28.94
N ARG B 127 -3.88 30.66 -29.94
CA ARG B 127 -5.31 30.43 -30.14
C ARG B 127 -5.53 29.97 -31.57
N LEU B 128 -6.44 29.03 -31.75
CA LEU B 128 -6.91 28.64 -33.07
C LEU B 128 -8.43 28.71 -32.99
N ARG B 129 -9.02 29.57 -33.81
CA ARG B 129 -10.46 29.72 -33.79
C ARG B 129 -11.05 29.93 -35.18
N TYR B 130 -12.26 29.41 -35.34
CA TYR B 130 -13.07 29.66 -36.52
C TYR B 130 -14.18 30.65 -36.18
N PHE B 131 -14.56 31.48 -37.14
CA PHE B 131 -15.68 32.41 -36.96
C PHE B 131 -16.24 32.94 -38.26
N LEU B 132 -17.47 33.43 -38.19
CA LEU B 132 -18.08 34.17 -39.29
C LEU B 132 -17.88 35.64 -38.97
N LYS B 133 -17.39 36.41 -39.94
CA LYS B 133 -17.15 37.85 -39.78
C LYS B 133 -17.95 38.64 -40.80
N VAL B 134 -18.98 39.33 -40.32
CA VAL B 134 -19.78 40.21 -41.17
C VAL B 134 -19.18 41.61 -41.13
N THR B 135 -19.07 42.23 -42.30
CA THR B 135 -18.41 43.53 -42.45
C THR B 135 -19.25 44.47 -43.33
N ILE B 136 -19.89 45.47 -42.72
CA ILE B 136 -20.52 46.58 -43.46
C ILE B 136 -19.44 47.64 -43.62
N VAL B 137 -19.02 47.87 -44.87
CA VAL B 137 -17.91 48.78 -45.15
C VAL B 137 -18.45 50.20 -45.19
N ARG B 138 -17.83 51.09 -44.40
CA ARG B 138 -18.16 52.52 -44.37
C ARG B 138 -16.91 53.35 -44.66
N ARG B 139 -17.13 54.64 -44.89
CA ARG B 139 -16.09 55.55 -45.41
C ARG B 139 -14.83 55.56 -44.54
N LEU B 140 -14.97 55.76 -43.23
CA LEU B 140 -13.82 55.77 -42.30
C LEU B 140 -13.72 54.61 -41.30
N THR B 141 -14.84 53.96 -40.96
CA THR B 141 -14.83 52.90 -39.94
C THR B 141 -15.89 51.81 -40.22
N ASP B 142 -15.43 50.59 -40.47
CA ASP B 142 -16.31 49.47 -40.82
C ASP B 142 -17.06 48.94 -39.59
N LEU B 143 -18.36 48.66 -39.75
CA LEU B 143 -19.12 47.92 -38.74
C LEU B 143 -18.82 46.45 -38.94
N VAL B 144 -18.27 45.81 -37.91
CA VAL B 144 -17.81 44.43 -38.00
C VAL B 144 -18.41 43.60 -36.87
N LYS B 145 -18.83 42.38 -37.19
CA LYS B 145 -19.43 41.45 -36.21
C LYS B 145 -18.82 40.08 -36.39
N GLU B 146 -18.09 39.60 -35.37
CA GLU B 146 -17.57 38.23 -35.37
C GLU B 146 -18.57 37.28 -34.69
N TYR B 147 -18.50 36.00 -35.08
CA TYR B 147 -19.46 34.99 -34.63
C TYR B 147 -18.75 33.64 -34.56
N ASP B 148 -18.37 33.25 -33.34
CA ASP B 148 -17.42 32.16 -33.11
C ASP B 148 -18.04 30.79 -33.24
N LEU B 149 -17.21 29.84 -33.69
CA LEU B 149 -17.62 28.45 -33.87
C LEU B 149 -16.52 27.54 -33.35
N ILE B 150 -16.92 26.37 -32.81
CA ILE B 150 -15.97 25.33 -32.43
C ILE B 150 -15.91 24.29 -33.53
N VAL B 151 -14.69 23.88 -33.87
CA VAL B 151 -14.48 22.75 -34.74
C VAL B 151 -13.72 21.69 -33.96
N HIS B 152 -14.25 20.46 -33.95
CA HIS B 152 -13.56 19.29 -33.44
C HIS B 152 -13.09 18.43 -34.61
N GLN B 153 -11.87 17.88 -34.48
CA GLN B 153 -11.28 16.98 -35.45
C GLN B 153 -11.37 15.58 -34.86
N LEU B 154 -12.04 14.68 -35.58
CA LEU B 154 -12.30 13.33 -35.13
C LEU B 154 -11.28 12.36 -35.71
N ALA B 155 -11.17 11.20 -35.10
CA ALA B 155 -10.36 10.11 -35.64
C ALA B 155 -10.93 8.76 -35.21
N THR B 156 -10.44 7.72 -35.88
CA THR B 156 -10.86 6.34 -35.63
C THR B 156 -9.82 5.60 -34.79
N TYR B 157 -10.19 4.41 -34.32
CA TYR B 157 -9.25 3.54 -33.59
C TYR B 157 -7.99 3.36 -34.44
N PRO B 158 -6.80 3.61 -33.86
CA PRO B 158 -5.57 3.56 -34.65
C PRO B 158 -5.18 2.15 -35.14
N ASP B 159 -4.52 2.10 -36.31
CA ASP B 159 -4.03 0.84 -36.89
C ASP B 159 -3.10 0.15 -35.94
N VAL B 160 -2.00 0.84 -35.64
CA VAL B 160 -0.97 0.35 -34.72
C VAL B 160 -1.21 1.02 -33.38
N ASN B 161 -1.28 0.20 -32.33
CA ASN B 161 -1.29 0.71 -30.95
C ASN B 161 -0.57 -0.32 -30.07
N ASN B 162 0.69 -0.01 -29.78
CA ASN B 162 1.55 -0.88 -29.01
C ASN B 162 1.60 -0.39 -27.60
N SER B 163 1.69 -1.32 -26.66
CA SER B 163 1.88 -0.97 -25.26
C SER B 163 3.26 -0.36 -25.10
N ILE B 164 3.39 0.56 -24.15
CA ILE B 164 4.69 1.09 -23.75
C ILE B 164 5.19 0.18 -22.62
N LYS B 165 6.43 -0.27 -22.74
CA LYS B 165 7.06 -1.12 -21.74
C LYS B 165 8.55 -0.78 -21.70
N MET B 166 9.10 -0.54 -20.50
CA MET B 166 10.44 0.02 -20.37
C MET B 166 11.13 -0.25 -19.05
N GLU B 167 12.36 -0.74 -19.14
CA GLU B 167 13.21 -1.01 -18.00
C GLU B 167 14.15 0.19 -17.81
N VAL B 168 13.95 0.94 -16.73
CA VAL B 168 14.72 2.15 -16.41
C VAL B 168 15.23 2.15 -14.97
N GLY B 169 16.14 3.08 -14.63
CA GLY B 169 16.62 3.20 -13.25
C GLY B 169 17.81 4.11 -12.97
N ILE B 170 18.36 3.95 -11.77
CA ILE B 170 19.65 4.48 -11.35
C ILE B 170 20.51 3.26 -11.08
N GLU B 171 21.73 3.20 -11.62
CA GLU B 171 22.56 1.98 -11.53
C GLU B 171 22.86 1.53 -10.09
N ASP B 172 22.56 0.26 -9.80
CA ASP B 172 22.75 -0.34 -8.48
C ASP B 172 22.07 0.41 -7.34
N CYS B 173 20.91 1.00 -7.63
CA CYS B 173 20.13 1.75 -6.63
C CYS B 173 18.64 1.49 -6.78
N LEU B 174 18.15 1.69 -8.00
CA LEU B 174 16.76 1.48 -8.32
C LEU B 174 16.68 0.97 -9.75
N HIS B 175 16.10 -0.21 -9.96
CA HIS B 175 15.70 -0.67 -11.31
C HIS B 175 14.21 -0.93 -11.25
N ILE B 176 13.47 -0.41 -12.23
CA ILE B 176 12.05 -0.72 -12.40
C ILE B 176 11.67 -1.04 -13.84
N GLU B 177 10.53 -1.70 -14.01
CA GLU B 177 9.92 -1.92 -15.30
C GLU B 177 8.50 -1.39 -15.23
N PHE B 178 8.23 -0.30 -15.94
CA PHE B 178 6.87 0.21 -16.06
C PHE B 178 6.26 -0.20 -17.39
N GLU B 179 4.93 -0.34 -17.40
CA GLU B 179 4.19 -0.70 -18.60
C GLU B 179 2.84 0.02 -18.59
N TYR B 180 2.57 0.76 -19.66
CA TYR B 180 1.26 1.36 -19.91
C TYR B 180 0.66 0.60 -21.09
N ASN B 181 -0.63 0.29 -21.01
CA ASN B 181 -1.28 -0.59 -22.00
C ASN B 181 -1.41 -0.07 -23.42
N LYS B 182 -1.26 1.24 -23.63
CA LYS B 182 -1.30 1.84 -24.98
C LYS B 182 -0.30 2.98 -25.15
N SER B 183 -0.07 3.35 -26.40
CA SER B 183 0.63 4.59 -26.78
C SER B 183 -0.32 5.72 -27.10
N LYS B 184 -1.55 5.37 -27.49
CA LYS B 184 -2.54 6.32 -27.96
C LYS B 184 -3.85 6.09 -27.22
N TYR B 185 -4.29 7.10 -26.48
CA TYR B 185 -5.47 7.01 -25.64
C TYR B 185 -6.45 8.06 -26.08
N HIS B 186 -7.71 7.67 -26.20
CA HIS B 186 -8.78 8.66 -26.47
C HIS B 186 -9.10 9.50 -25.22
N LEU B 187 -9.89 10.55 -25.41
CA LEU B 187 -10.03 11.60 -24.39
C LEU B 187 -10.75 11.14 -23.12
N LYS B 188 -11.62 10.15 -23.25
CA LYS B 188 -12.24 9.49 -22.11
C LYS B 188 -11.74 8.05 -21.90
N ASP B 189 -10.48 7.79 -22.26
CA ASP B 189 -9.86 6.47 -22.14
C ASP B 189 -9.32 6.30 -20.69
N VAL B 190 -8.61 5.20 -20.47
CA VAL B 190 -8.08 4.82 -19.16
C VAL B 190 -6.64 4.32 -19.33
N ILE B 191 -5.71 4.86 -18.55
CA ILE B 191 -4.35 4.32 -18.50
C ILE B 191 -4.39 3.09 -17.58
N VAL B 192 -4.34 1.89 -18.17
CA VAL B 192 -4.14 0.67 -17.40
C VAL B 192 -2.66 0.36 -17.48
N GLY B 193 -1.99 0.24 -16.34
CA GLY B 193 -0.56 -0.05 -16.35
C GLY B 193 -0.05 -0.74 -15.11
N LYS B 194 1.25 -1.00 -15.08
CA LYS B 194 1.89 -1.51 -13.86
C LYS B 194 3.36 -1.11 -13.72
N ILE B 195 3.79 -0.99 -12.46
CA ILE B 195 5.17 -0.72 -12.10
C ILE B 195 5.71 -1.96 -11.38
N TYR B 196 6.79 -2.54 -11.92
CA TYR B 196 7.38 -3.75 -11.38
C TYR B 196 8.77 -3.41 -10.90
N PHE B 197 9.08 -3.76 -9.66
CA PHE B 197 10.35 -3.40 -9.03
C PHE B 197 11.34 -4.54 -9.11
N LEU B 198 12.50 -4.27 -9.70
CA LEU B 198 13.55 -5.27 -9.90
C LEU B 198 14.68 -5.15 -8.88
N LEU B 199 14.93 -3.94 -8.40
CA LEU B 199 15.99 -3.67 -7.42
C LEU B 199 15.64 -2.40 -6.67
N VAL B 200 15.61 -2.46 -5.35
CA VAL B 200 15.24 -1.30 -4.52
C VAL B 200 16.21 -1.17 -3.36
N ARG B 201 17.22 -0.34 -3.57
CA ARG B 201 18.22 -0.01 -2.55
C ARG B 201 18.11 1.45 -2.11
N ILE B 202 16.99 2.09 -2.41
CA ILE B 202 16.68 3.39 -1.84
C ILE B 202 15.42 3.24 -1.03
N LYS B 203 15.14 4.25 -0.21
CA LYS B 203 13.98 4.24 0.66
C LYS B 203 12.91 5.07 -0.02
N ILE B 204 11.90 4.43 -0.61
CA ILE B 204 10.84 5.18 -1.31
C ILE B 204 9.64 5.44 -0.40
N GLN B 205 9.34 6.73 -0.23
CA GLN B 205 8.18 7.18 0.51
C GLN B 205 6.92 6.89 -0.31
N HIS B 206 6.78 7.52 -1.48
CA HIS B 206 5.60 7.33 -2.35
C HIS B 206 5.94 7.40 -3.86
N MET B 207 4.97 7.02 -4.68
CA MET B 207 5.08 7.08 -6.15
C MET B 207 3.76 7.57 -6.74
N GLU B 208 3.87 8.32 -7.82
CA GLU B 208 2.72 8.88 -8.52
C GLU B 208 2.98 8.99 -10.02
N LEU B 209 1.88 8.94 -10.77
CA LEU B 209 1.88 9.17 -12.20
C LEU B 209 1.33 10.56 -12.40
N GLN B 210 1.95 11.33 -13.29
CA GLN B 210 1.50 12.66 -13.61
C GLN B 210 1.16 12.75 -15.09
N LEU B 211 0.17 13.56 -15.42
CA LEU B 211 -0.15 13.87 -16.81
C LEU B 211 0.31 15.29 -17.09
N ILE B 212 1.22 15.44 -18.06
CA ILE B 212 1.83 16.73 -18.37
C ILE B 212 1.48 17.17 -19.80
N LYS B 213 1.06 18.43 -19.97
CA LYS B 213 0.68 19.00 -21.27
C LYS B 213 1.65 20.11 -21.67
N LYS B 214 2.48 19.82 -22.68
CA LYS B 214 3.38 20.81 -23.25
C LYS B 214 2.75 21.47 -24.47
N GLU B 215 2.83 22.79 -24.53
CA GLU B 215 2.37 23.57 -25.69
C GLU B 215 3.56 24.31 -26.31
N ILE B 216 4.04 23.83 -27.45
CA ILE B 216 5.23 24.37 -28.07
C ILE B 216 4.81 25.31 -29.21
N THR B 217 5.34 26.54 -29.20
CA THR B 217 5.05 27.59 -30.20
C THR B 217 6.33 28.06 -30.90
N GLY B 218 6.18 28.57 -32.14
CA GLY B 218 7.28 29.20 -32.90
C GLY B 218 7.76 28.39 -34.10
N ILE B 219 8.93 28.76 -34.63
CA ILE B 219 9.60 28.04 -35.77
C ILE B 219 11.14 27.94 -35.63
N GLY B 220 11.65 26.70 -35.62
CA GLY B 220 13.10 26.45 -35.58
C GLY B 220 13.73 26.78 -34.23
N PRO B 221 14.77 27.66 -34.20
CA PRO B 221 15.31 28.13 -32.92
C PRO B 221 14.32 28.95 -32.08
N SER B 222 13.47 29.74 -32.74
CA SER B 222 12.31 30.38 -32.08
C SER B 222 11.35 29.30 -31.58
N THR B 223 11.45 28.99 -30.28
CA THR B 223 10.67 27.92 -29.65
C THR B 223 10.35 28.28 -28.22
N THR B 224 9.06 28.34 -27.87
CA THR B 224 8.63 28.56 -26.50
C THR B 224 7.74 27.39 -26.10
N THR B 225 8.11 26.70 -25.02
CA THR B 225 7.31 25.58 -24.49
C THR B 225 6.62 26.03 -23.21
N GLU B 226 5.30 25.90 -23.16
CA GLU B 226 4.53 26.16 -21.94
C GLU B 226 4.07 24.82 -21.38
N THR B 227 4.58 24.45 -20.20
CA THR B 227 4.24 23.20 -19.55
C THR B 227 3.21 23.42 -18.45
N GLU B 228 2.27 22.49 -18.32
CA GLU B 228 1.23 22.55 -17.28
C GLU B 228 0.94 21.13 -16.78
N THR B 229 1.16 20.88 -15.49
CA THR B 229 0.97 19.55 -14.90
C THR B 229 -0.51 19.31 -14.62
N ILE B 230 -1.17 18.62 -15.55
CA ILE B 230 -2.62 18.43 -15.52
C ILE B 230 -3.12 17.52 -14.39
N ALA B 231 -2.40 16.41 -14.14
CA ALA B 231 -2.77 15.47 -13.09
C ALA B 231 -1.57 15.08 -12.26
N LYS B 232 -1.79 14.98 -10.96
CA LYS B 232 -0.89 14.26 -10.07
C LYS B 232 -1.75 13.16 -9.47
N TYR B 233 -1.36 11.90 -9.73
CA TYR B 233 -2.16 10.74 -9.34
C TYR B 233 -1.29 9.75 -8.58
N GLU B 234 -1.45 9.70 -7.24
CA GLU B 234 -0.70 8.76 -6.40
C GLU B 234 -1.04 7.33 -6.83
N ILE B 235 -0.01 6.48 -6.96
CA ILE B 235 -0.20 5.05 -7.26
C ILE B 235 0.43 4.09 -6.24
N MET B 236 1.39 4.59 -5.44
CA MET B 236 1.97 3.84 -4.33
C MET B 236 2.13 4.70 -3.08
N ASP B 237 1.97 4.07 -1.92
CA ASP B 237 2.13 4.70 -0.61
C ASP B 237 2.99 3.77 0.24
N GLY B 238 4.29 4.00 0.26
CA GLY B 238 5.22 3.21 1.06
C GLY B 238 6.31 2.51 0.26
N ALA B 239 7.20 1.85 0.99
CA ALA B 239 8.39 1.23 0.42
C ALA B 239 8.05 -0.12 -0.20
N PRO B 240 8.35 -0.30 -1.50
CA PRO B 240 8.31 -1.63 -2.06
C PRO B 240 9.63 -2.34 -1.84
N VAL B 241 9.62 -3.65 -2.06
CA VAL B 241 10.83 -4.45 -2.14
C VAL B 241 10.83 -5.05 -3.54
N LYS B 242 11.92 -5.71 -3.94
CA LYS B 242 11.97 -6.27 -5.29
C LYS B 242 10.91 -7.36 -5.47
N GLY B 243 10.50 -7.55 -6.71
CA GLY B 243 9.43 -8.48 -7.05
C GLY B 243 8.01 -7.98 -6.84
N GLU B 244 7.85 -6.73 -6.37
CA GLU B 244 6.54 -6.17 -6.10
C GLU B 244 5.97 -5.51 -7.37
N SER B 245 4.68 -5.72 -7.63
CA SER B 245 3.98 -5.08 -8.75
C SER B 245 2.93 -4.11 -8.22
N ILE B 246 2.90 -2.89 -8.76
CA ILE B 246 1.91 -1.87 -8.35
C ILE B 246 0.98 -1.57 -9.52
N PRO B 247 -0.34 -1.71 -9.33
CA PRO B 247 -1.26 -1.48 -10.43
C PRO B 247 -1.56 0.00 -10.67
N ILE B 248 -1.81 0.35 -11.93
CA ILE B 248 -2.20 1.69 -12.34
C ILE B 248 -3.53 1.61 -13.05
N ARG B 249 -4.49 2.42 -12.60
CA ARG B 249 -5.73 2.66 -13.35
C ARG B 249 -6.15 4.13 -13.22
N LEU B 250 -5.78 4.92 -14.22
CA LEU B 250 -5.97 6.38 -14.24
C LEU B 250 -6.99 6.79 -15.33
N PHE B 251 -8.16 7.24 -14.89
CA PHE B 251 -9.25 7.60 -15.83
C PHE B 251 -9.05 9.02 -16.36
N LEU B 252 -8.76 9.11 -17.66
CA LEU B 252 -8.51 10.41 -18.31
C LEU B 252 -9.73 11.30 -18.40
N ALA B 253 -10.92 10.72 -18.32
CA ALA B 253 -12.17 11.48 -18.27
C ALA B 253 -12.17 12.57 -17.18
N GLY B 254 -11.56 12.28 -16.03
CA GLY B 254 -11.51 13.22 -14.90
C GLY B 254 -10.88 14.58 -15.15
N TYR B 255 -9.91 14.67 -16.07
CA TYR B 255 -9.09 15.86 -16.23
C TYR B 255 -9.39 16.71 -17.48
N ASP B 256 -10.29 16.24 -18.34
CA ASP B 256 -10.73 16.97 -19.54
C ASP B 256 -9.60 17.63 -20.37
N PRO B 257 -8.70 16.81 -20.95
CA PRO B 257 -7.61 17.34 -21.77
C PRO B 257 -8.02 17.58 -23.23
N THR B 258 -7.09 18.14 -24.01
CA THR B 258 -7.27 18.32 -25.46
C THR B 258 -6.63 17.13 -26.18
N PRO B 259 -6.94 16.96 -27.48
CA PRO B 259 -6.17 16.01 -28.29
C PRO B 259 -4.74 16.46 -28.48
N THR B 260 -3.85 15.52 -28.77
CA THR B 260 -2.49 15.84 -29.18
C THR B 260 -2.60 16.45 -30.58
N MET B 261 -1.89 17.57 -30.77
CA MET B 261 -1.95 18.39 -31.99
C MET B 261 -0.51 18.69 -32.39
N ARG B 262 -0.04 18.06 -33.46
CA ARG B 262 1.38 18.02 -33.79
C ARG B 262 1.68 18.88 -35.04
N ASP B 263 2.46 19.94 -34.86
CA ASP B 263 2.84 20.84 -35.96
C ASP B 263 1.62 21.34 -36.75
N VAL B 264 0.67 21.93 -36.03
CA VAL B 264 -0.51 22.50 -36.66
C VAL B 264 -0.06 23.70 -37.48
N ASN B 265 -0.17 23.58 -38.81
CA ASN B 265 0.15 24.64 -39.75
C ASN B 265 1.63 25.07 -39.67
N LYS B 266 2.49 24.14 -39.25
CA LYS B 266 3.91 24.40 -38.90
C LYS B 266 4.12 25.56 -37.90
N LYS B 267 3.15 25.72 -36.99
CA LYS B 267 3.12 26.87 -36.06
C LYS B 267 3.19 26.49 -34.58
N PHE B 268 2.41 25.48 -34.19
CA PHE B 268 2.42 25.02 -32.80
C PHE B 268 2.08 23.54 -32.65
N SER B 269 2.58 22.98 -31.56
CA SER B 269 2.27 21.62 -31.11
C SER B 269 1.61 21.69 -29.75
N VAL B 270 0.88 20.63 -29.41
CA VAL B 270 0.34 20.42 -28.06
C VAL B 270 0.47 18.93 -27.80
N ARG B 271 1.36 18.55 -26.87
CA ARG B 271 1.71 17.15 -26.63
C ARG B 271 1.49 16.78 -25.18
N TYR B 272 1.14 15.52 -24.94
CA TYR B 272 0.90 15.03 -23.57
C TYR B 272 1.92 13.99 -23.17
N PHE B 273 2.31 14.00 -21.91
CA PHE B 273 3.33 13.09 -21.39
C PHE B 273 2.89 12.44 -20.08
N LEU B 274 3.25 11.17 -19.90
CA LEU B 274 3.05 10.46 -18.65
C LEU B 274 4.35 10.47 -17.85
N ASN B 275 4.40 11.36 -16.86
CA ASN B 275 5.56 11.51 -16.01
C ASN B 275 5.40 10.67 -14.75
N LEU B 276 6.09 9.55 -14.71
CA LEU B 276 6.13 8.67 -13.54
C LEU B 276 7.15 9.23 -12.57
N VAL B 277 6.79 9.42 -11.30
CA VAL B 277 7.68 10.02 -10.30
C VAL B 277 7.66 9.24 -9.00
N LEU B 278 8.83 8.78 -8.57
CA LEU B 278 9.02 8.20 -7.23
C LEU B 278 9.72 9.25 -6.35
N VAL B 279 9.39 9.29 -5.06
CA VAL B 279 9.95 10.27 -4.12
C VAL B 279 10.52 9.52 -2.93
N ASP B 280 11.78 9.77 -2.56
CA ASP B 280 12.42 9.06 -1.43
C ASP B 280 12.16 9.74 -0.06
N GLU B 281 12.75 9.21 1.01
CA GLU B 281 12.51 9.70 2.40
C GLU B 281 13.07 11.11 2.62
N GLU B 282 14.18 11.43 1.94
CA GLU B 282 14.75 12.78 1.96
C GLU B 282 14.21 13.69 0.81
N ASP B 283 13.01 13.38 0.29
CA ASP B 283 12.32 14.17 -0.75
C ASP B 283 12.95 14.28 -2.13
N ARG B 284 14.01 13.50 -2.41
CA ARG B 284 14.64 13.47 -3.74
C ARG B 284 13.68 12.72 -4.68
N ARG B 285 13.68 13.11 -5.95
CA ARG B 285 12.55 12.84 -6.86
C ARG B 285 13.01 12.24 -8.19
N TYR B 286 12.72 10.96 -8.39
CA TYR B 286 13.20 10.20 -9.54
C TYR B 286 12.02 10.02 -10.49
N PHE B 287 12.25 10.28 -11.77
CA PHE B 287 11.16 10.37 -12.75
C PHE B 287 11.50 9.79 -14.13
N LYS B 288 10.46 9.45 -14.88
CA LYS B 288 10.61 9.09 -16.29
C LYS B 288 9.38 9.52 -17.08
N GLN B 289 9.62 10.37 -18.06
CA GLN B 289 8.57 10.92 -18.89
C GLN B 289 8.38 10.04 -20.11
N GLN B 290 7.13 9.93 -20.56
CA GLN B 290 6.78 9.17 -21.76
C GLN B 290 5.66 9.87 -22.48
N GLU B 291 5.88 10.23 -23.75
CA GLU B 291 4.81 10.88 -24.50
C GLU B 291 3.73 9.86 -24.81
N ILE B 292 2.48 10.27 -24.63
CA ILE B 292 1.33 9.55 -25.14
C ILE B 292 0.56 10.48 -26.07
N ILE B 293 -0.02 9.91 -27.12
CA ILE B 293 -0.86 10.67 -28.02
C ILE B 293 -2.28 10.58 -27.48
N LEU B 294 -2.97 11.71 -27.40
CA LEU B 294 -4.40 11.73 -27.16
C LEU B 294 -5.12 12.00 -28.46
N TRP B 295 -6.36 11.52 -28.57
CA TRP B 295 -7.17 11.70 -29.78
C TRP B 295 -8.65 11.71 -29.44
N ARG B 296 -9.39 12.60 -30.09
CA ARG B 296 -10.83 12.67 -29.91
C ARG B 296 -11.46 11.51 -30.65
N LYS B 297 -12.10 10.62 -29.91
CA LYS B 297 -12.79 9.48 -30.50
C LYS B 297 -14.07 9.96 -31.17
N ALA B 298 -14.36 9.39 -32.33
CA ALA B 298 -15.62 9.62 -33.01
C ALA B 298 -16.66 8.71 -32.38
N PRO B 299 -17.70 9.27 -31.72
CA PRO B 299 -18.81 8.42 -31.27
C PRO B 299 -19.57 7.86 -32.47
N GLU B 300 -20.13 6.65 -32.35
CA GLU B 300 -20.67 5.89 -33.51
C GLU B 300 -21.38 6.81 -34.53
N LYS B 301 -22.45 7.46 -34.06
CA LYS B 301 -23.03 8.67 -34.70
C LYS B 301 -24.18 9.21 -33.86
N THR C 9 -21.81 -5.75 -18.11
CA THR C 9 -20.61 -5.28 -17.33
C THR C 9 -20.83 -3.87 -16.74
N VAL C 10 -20.71 -3.76 -15.43
CA VAL C 10 -21.06 -2.53 -14.69
C VAL C 10 -19.86 -1.75 -14.11
N ALA C 11 -18.67 -2.33 -14.16
CA ALA C 11 -17.48 -1.71 -13.58
C ALA C 11 -16.26 -2.14 -14.38
N ASP C 12 -15.46 -1.15 -14.80
CA ASP C 12 -14.21 -1.43 -15.49
C ASP C 12 -13.15 -1.84 -14.47
N THR C 13 -12.82 -3.12 -14.46
CA THR C 13 -11.94 -3.71 -13.48
C THR C 13 -10.65 -4.19 -14.15
N ARG C 14 -10.17 -3.44 -15.13
CA ARG C 14 -9.01 -3.88 -15.91
C ARG C 14 -7.73 -3.59 -15.16
N ARG C 15 -6.86 -4.59 -15.10
CA ARG C 15 -5.49 -4.46 -14.62
C ARG C 15 -4.63 -5.28 -15.58
N LEU C 16 -3.35 -4.95 -15.67
CA LEU C 16 -2.41 -5.86 -16.34
C LEU C 16 -2.10 -7.01 -15.39
N ILE C 17 -1.73 -8.16 -15.96
CA ILE C 17 -1.45 -9.37 -15.18
C ILE C 17 -0.07 -9.25 -14.55
N THR C 18 0.06 -9.73 -13.31
CA THR C 18 1.31 -9.59 -12.55
C THR C 18 2.01 -10.91 -12.35
N LYS C 19 3.32 -10.81 -12.10
CA LYS C 19 4.14 -11.95 -11.73
C LYS C 19 4.08 -12.12 -10.22
N PRO C 20 3.73 -13.33 -9.73
CA PRO C 20 3.85 -13.63 -8.31
C PRO C 20 5.23 -13.30 -7.72
N GLN C 21 5.22 -12.68 -6.54
CA GLN C 21 6.44 -12.27 -5.86
C GLN C 21 7.04 -13.47 -5.16
N ASN C 22 8.30 -13.75 -5.46
CA ASN C 22 9.05 -14.83 -4.81
C ASN C 22 9.09 -14.62 -3.30
N LEU C 23 8.81 -15.68 -2.54
CA LEU C 23 8.65 -15.56 -1.08
C LEU C 23 9.90 -15.15 -0.28
N ASN C 24 11.09 -15.32 -0.85
CA ASN C 24 12.30 -14.78 -0.22
C ASN C 24 12.33 -13.24 -0.27
N ASP C 25 12.01 -12.70 -1.45
CA ASP C 25 11.94 -11.25 -1.64
C ASP C 25 10.82 -10.65 -0.78
N ALA C 26 9.66 -11.30 -0.79
CA ALA C 26 8.47 -10.80 -0.06
C ALA C 26 8.66 -10.64 1.44
N TYR C 27 9.30 -11.62 2.08
CA TYR C 27 9.48 -11.63 3.54
C TYR C 27 10.86 -11.18 4.01
N GLY C 28 11.91 -11.64 3.32
CA GLY C 28 13.30 -11.28 3.66
C GLY C 28 13.54 -9.78 3.79
N PRO C 29 14.52 -9.39 4.63
CA PRO C 29 14.66 -7.97 5.02
C PRO C 29 14.98 -7.05 3.83
N PRO C 30 14.50 -5.78 3.84
CA PRO C 30 14.72 -4.91 2.69
C PRO C 30 16.19 -4.54 2.49
N SER C 31 16.54 -4.22 1.24
CA SER C 31 17.93 -3.96 0.84
C SER C 31 18.28 -2.46 0.78
N ASN C 32 17.54 -1.62 1.50
CA ASN C 32 17.78 -0.19 1.55
C ASN C 32 18.11 0.30 2.96
N PHE C 33 18.72 -0.57 3.79
CA PHE C 33 19.02 -0.22 5.17
C PHE C 33 20.28 0.62 5.24
N LEU C 34 20.15 1.78 5.88
CA LEU C 34 21.23 2.75 6.03
C LEU C 34 20.84 3.75 7.10
N GLU C 35 21.46 3.64 8.29
CA GLU C 35 21.30 4.64 9.36
C GLU C 35 22.64 5.07 9.92
N ILE C 36 22.84 6.39 10.02
CA ILE C 36 24.09 6.98 10.49
C ILE C 36 23.75 7.86 11.69
N ASP C 37 24.39 7.58 12.83
CA ASP C 37 24.18 8.34 14.08
C ASP C 37 25.39 9.18 14.41
N VAL C 38 25.17 10.45 14.68
CA VAL C 38 26.21 11.37 15.14
C VAL C 38 25.97 11.52 16.63
N SER C 39 26.99 11.19 17.41
CA SER C 39 26.82 11.01 18.86
C SER C 39 28.11 11.26 19.61
N ASN C 40 27.96 11.45 20.93
CA ASN C 40 29.05 11.39 21.88
C ASN C 40 30.13 12.45 21.62
N PRO C 41 29.76 13.74 21.76
CA PRO C 41 30.72 14.82 21.50
C PRO C 41 31.79 14.89 22.60
N GLN C 42 33.06 15.07 22.19
CA GLN C 42 34.23 15.02 23.10
C GLN C 42 35.33 16.03 22.74
N THR C 43 35.82 16.76 23.73
CA THR C 43 36.99 17.66 23.59
C THR C 43 38.28 16.85 23.38
N VAL C 44 39.17 17.32 22.49
CA VAL C 44 40.47 16.66 22.23
C VAL C 44 41.60 17.68 22.14
N GLY C 45 42.42 17.73 23.19
CA GLY C 45 43.51 18.71 23.33
C GLY C 45 43.33 19.50 24.61
N VAL C 46 44.26 20.41 24.88
CA VAL C 46 44.11 21.37 25.98
C VAL C 46 44.48 22.78 25.48
N GLY C 47 43.83 23.79 26.07
CA GLY C 47 44.11 25.18 25.78
C GLY C 47 43.67 25.61 24.39
N ARG C 48 44.60 26.19 23.63
CA ARG C 48 44.29 26.80 22.33
C ARG C 48 44.09 25.74 21.24
N GLY C 49 44.62 24.53 21.46
CA GLY C 49 44.45 23.42 20.53
C GLY C 49 43.04 22.83 20.48
N ARG C 50 42.30 22.94 21.58
CA ARG C 50 41.02 22.23 21.78
C ARG C 50 40.00 22.33 20.64
N PHE C 51 39.39 21.18 20.33
CA PHE C 51 38.28 21.07 19.36
C PHE C 51 37.41 19.87 19.74
N THR C 52 36.17 19.88 19.28
CA THR C 52 35.24 18.80 19.57
C THR C 52 35.26 17.77 18.44
N THR C 53 35.28 16.48 18.80
CA THR C 53 35.00 15.37 17.84
C THR C 53 33.69 14.65 18.18
N TYR C 54 33.10 14.04 17.16
CA TYR C 54 31.85 13.30 17.28
C TYR C 54 32.07 11.87 16.76
N GLU C 55 31.26 10.92 17.26
CA GLU C 55 31.26 9.53 16.76
C GLU C 55 30.27 9.36 15.62
N ILE C 56 30.76 8.94 14.47
CA ILE C 56 29.93 8.70 13.29
C ILE C 56 29.74 7.20 13.11
N ARG C 57 28.66 6.68 13.68
CA ARG C 57 28.37 5.25 13.73
C ARG C 57 27.44 4.88 12.56
N VAL C 58 27.88 3.94 11.72
CA VAL C 58 27.14 3.53 10.53
C VAL C 58 26.61 2.10 10.68
N LYS C 59 25.39 1.87 10.19
CA LYS C 59 24.81 0.54 10.05
C LYS C 59 24.13 0.47 8.70
N THR C 60 24.43 -0.59 7.93
CA THR C 60 23.89 -0.72 6.59
C THR C 60 23.81 -2.15 6.09
N ASN C 61 23.18 -2.33 4.94
CA ASN C 61 23.30 -3.57 4.16
C ASN C 61 23.44 -3.33 2.65
N LEU C 62 23.90 -2.13 2.26
CA LEU C 62 24.13 -1.81 0.86
C LEU C 62 25.52 -2.31 0.49
N PRO C 63 25.65 -2.99 -0.67
CA PRO C 63 26.93 -3.59 -1.04
C PRO C 63 28.06 -2.58 -1.22
N ILE C 64 27.71 -1.36 -1.65
CA ILE C 64 28.71 -0.31 -1.94
C ILE C 64 29.57 0.06 -0.71
N PHE C 65 28.95 0.07 0.48
CA PHE C 65 29.69 0.33 1.73
C PHE C 65 30.47 -0.91 2.16
N LYS C 66 31.80 -0.77 2.25
CA LYS C 66 32.70 -1.90 2.47
C LYS C 66 32.70 -2.49 3.89
N LEU C 67 32.00 -1.86 4.83
CA LEU C 67 31.72 -2.45 6.14
C LEU C 67 30.24 -2.29 6.49
N LYS C 68 29.63 -3.37 6.97
CA LYS C 68 28.20 -3.37 7.30
C LYS C 68 27.96 -2.51 8.54
N GLU C 69 28.91 -2.58 9.48
CA GLU C 69 28.96 -1.70 10.64
C GLU C 69 30.33 -1.03 10.71
N SER C 70 30.34 0.24 11.09
CA SER C 70 31.57 1.01 11.28
C SER C 70 31.34 2.10 12.32
N THR C 71 32.42 2.48 13.00
CA THR C 71 32.41 3.61 13.92
C THR C 71 33.72 4.38 13.79
N VAL C 72 33.63 5.68 13.55
CA VAL C 72 34.80 6.56 13.44
C VAL C 72 34.54 7.88 14.14
N ARG C 73 35.63 8.59 14.46
CA ARG C 73 35.57 9.90 15.10
C ARG C 73 35.83 10.98 14.08
N ARG C 74 34.97 12.00 14.07
CA ARG C 74 35.03 13.09 13.09
C ARG C 74 34.93 14.46 13.75
N ARG C 75 35.59 15.42 13.11
CA ARG C 75 35.68 16.81 13.51
C ARG C 75 34.77 17.63 12.56
N TYR C 76 34.31 18.82 12.97
CA TYR C 76 33.45 19.64 12.08
C TYR C 76 34.17 20.09 10.79
N SER C 77 35.49 20.26 10.83
CA SER C 77 36.30 20.53 9.63
C SER C 77 36.22 19.39 8.63
N ASP C 78 36.21 18.16 9.13
CA ASP C 78 36.07 16.96 8.29
C ASP C 78 34.75 17.00 7.51
N PHE C 79 33.67 17.33 8.21
CA PHE C 79 32.34 17.54 7.59
C PHE C 79 32.36 18.60 6.48
N GLU C 80 33.11 19.67 6.70
CA GLU C 80 33.32 20.71 5.69
C GLU C 80 34.14 20.20 4.51
N TRP C 81 35.16 19.38 4.79
CA TRP C 81 35.98 18.77 3.75
C TRP C 81 35.16 17.80 2.89
N LEU C 82 34.31 16.99 3.53
CA LEU C 82 33.41 16.09 2.80
C LEU C 82 32.50 16.87 1.84
N ARG C 83 31.83 17.87 2.39
CA ARG C 83 30.93 18.74 1.63
C ARG C 83 31.66 19.46 0.49
N SER C 84 32.89 19.89 0.76
CA SER C 84 33.72 20.58 -0.23
C SER C 84 34.16 19.67 -1.38
N GLU C 85 34.55 18.43 -1.05
CA GLU C 85 34.90 17.43 -2.06
C GLU C 85 33.70 17.07 -2.95
N LEU C 86 32.54 16.87 -2.32
CA LEU C 86 31.30 16.58 -3.03
C LEU C 86 30.86 17.72 -3.95
N GLU C 87 31.09 18.98 -3.54
CA GLU C 87 30.79 20.14 -4.40
C GLU C 87 31.64 20.20 -5.68
N ARG C 88 32.86 19.65 -5.63
CA ARG C 88 33.74 19.64 -6.81
C ARG C 88 33.41 18.48 -7.77
N GLU C 89 33.69 17.24 -7.37
CA GLU C 89 33.56 16.07 -8.27
C GLU C 89 32.13 15.59 -8.51
N SER C 90 31.29 15.61 -7.48
CA SER C 90 30.02 14.89 -7.49
C SER C 90 28.96 15.41 -8.47
N LYS C 91 28.85 16.72 -8.60
CA LYS C 91 27.69 17.35 -9.25
C LYS C 91 26.37 16.88 -8.59
N VAL C 92 26.38 16.86 -7.27
CA VAL C 92 25.19 16.69 -6.44
C VAL C 92 24.98 18.02 -5.76
N VAL C 93 23.75 18.55 -5.78
CA VAL C 93 23.44 19.70 -4.92
C VAL C 93 23.50 19.18 -3.48
N VAL C 94 24.51 19.65 -2.74
CA VAL C 94 24.84 19.12 -1.42
C VAL C 94 24.07 19.93 -0.39
N PRO C 95 23.47 19.27 0.64
CA PRO C 95 22.74 20.06 1.63
C PRO C 95 23.66 20.95 2.47
N PRO C 96 23.07 21.90 3.23
CA PRO C 96 23.90 22.79 4.03
C PRO C 96 24.38 22.12 5.33
N LEU C 97 25.54 22.56 5.82
CA LEU C 97 26.02 22.22 7.16
C LEU C 97 25.39 23.18 8.17
N PRO C 98 25.38 22.82 9.47
CA PRO C 98 24.72 23.68 10.45
C PRO C 98 25.45 25.01 10.73
N GLY C 99 26.71 25.10 10.29
CA GLY C 99 27.36 26.39 10.13
C GLY C 99 28.60 26.56 10.97
N LYS C 100 29.63 27.12 10.36
CA LYS C 100 30.82 27.57 11.06
C LYS C 100 30.36 28.76 11.90
N ALA C 101 30.56 28.69 13.20
CA ALA C 101 30.24 29.80 14.09
C ALA C 101 31.55 30.42 14.57
N PHE C 102 32.12 31.31 13.75
CA PHE C 102 33.44 31.90 14.04
C PHE C 102 33.51 32.70 15.34
N LEU C 103 32.51 33.55 15.54
CA LEU C 103 32.53 34.49 16.66
C LEU C 103 32.37 33.79 18.02
N ARG C 104 31.95 32.52 18.02
CA ARG C 104 31.97 31.69 19.22
C ARG C 104 33.40 31.42 19.72
N GLN C 105 34.39 31.40 18.82
CA GLN C 105 35.80 31.26 19.21
C GLN C 105 36.38 32.46 19.95
N LEU C 106 35.77 33.64 19.79
CA LEU C 106 36.25 34.86 20.43
C LEU C 106 36.16 34.76 21.96
N PRO C 107 37.11 35.39 22.68
CA PRO C 107 37.19 35.18 24.12
C PRO C 107 36.24 36.10 24.90
N PHE C 108 35.98 35.74 26.15
CA PHE C 108 35.18 36.53 27.10
C PHE C 108 33.75 36.83 26.62
N ARG C 109 33.13 35.80 26.06
CA ARG C 109 31.70 35.79 25.77
C ARG C 109 30.93 35.46 27.04
N GLY C 110 29.60 35.62 26.98
CA GLY C 110 28.70 35.20 28.06
C GLY C 110 28.31 33.73 28.02
N ASP C 111 28.95 32.92 27.17
CA ASP C 111 28.76 31.47 27.17
C ASP C 111 30.12 30.79 26.99
N ASP C 112 30.12 29.45 27.05
CA ASP C 112 31.36 28.66 26.93
C ASP C 112 31.93 28.64 25.49
N GLY C 113 31.34 29.43 24.60
CA GLY C 113 31.95 29.71 23.30
C GLY C 113 31.68 28.57 22.36
N ILE C 114 32.75 27.94 21.91
CA ILE C 114 32.67 26.83 20.97
C ILE C 114 32.21 25.54 21.66
N PHE C 115 32.40 25.49 22.99
CA PHE C 115 32.02 24.34 23.81
C PHE C 115 30.75 24.60 24.66
N ASP C 116 29.84 25.44 24.16
CA ASP C 116 28.54 25.62 24.77
C ASP C 116 27.67 24.41 24.43
N ASP C 117 26.85 23.96 25.38
CA ASP C 117 26.10 22.70 25.22
C ASP C 117 24.89 22.84 24.29
N ASN C 118 24.14 23.94 24.42
CA ASN C 118 23.06 24.26 23.47
C ASN C 118 23.57 24.42 22.05
N PHE C 119 24.82 24.86 21.91
CA PHE C 119 25.49 24.90 20.62
C PHE C 119 25.84 23.48 20.12
N ILE C 120 26.61 22.74 20.92
CA ILE C 120 27.12 21.42 20.52
C ILE C 120 25.97 20.44 20.22
N GLU C 121 24.90 20.50 21.00
CA GLU C 121 23.70 19.70 20.76
C GLU C 121 23.06 20.07 19.41
N GLU C 122 22.87 21.37 19.19
CA GLU C 122 22.23 21.84 17.96
C GLU C 122 23.08 21.56 16.73
N ARG C 123 24.39 21.74 16.84
CA ARG C 123 25.34 21.37 15.78
C ARG C 123 25.29 19.85 15.52
N LYS C 124 25.31 19.06 16.59
CA LYS C 124 25.30 17.59 16.48
C LYS C 124 24.12 17.08 15.65
N GLN C 125 22.93 17.64 15.90
CA GLN C 125 21.75 17.30 15.12
C GLN C 125 21.89 17.69 13.66
N GLY C 126 22.40 18.88 13.40
CA GLY C 126 22.66 19.33 12.04
C GLY C 126 23.61 18.46 11.25
N LEU C 127 24.63 17.92 11.91
CA LEU C 127 25.58 17.03 11.24
C LEU C 127 24.92 15.68 10.92
N GLU C 128 24.09 15.19 11.85
CA GLU C 128 23.29 13.97 11.62
C GLU C 128 22.32 14.20 10.46
N GLN C 129 21.60 15.34 10.51
CA GLN C 129 20.77 15.81 9.39
C GLN C 129 21.52 15.77 8.06
N PHE C 130 22.70 16.37 8.06
CA PHE C 130 23.54 16.48 6.85
C PHE C 130 24.00 15.13 6.32
N ILE C 131 24.62 14.32 7.17
CA ILE C 131 25.25 13.07 6.75
C ILE C 131 24.25 12.02 6.25
N ASN C 132 23.05 11.98 6.84
CA ASN C 132 22.01 11.06 6.39
C ASN C 132 21.43 11.43 5.03
N LYS C 133 21.36 12.73 4.75
CA LYS C 133 20.98 13.20 3.41
C LYS C 133 22.05 12.82 2.40
N VAL C 134 23.27 13.27 2.65
CA VAL C 134 24.40 12.99 1.77
C VAL C 134 24.61 11.50 1.54
N ALA C 135 24.66 10.71 2.61
CA ALA C 135 24.92 9.27 2.51
C ALA C 135 23.81 8.48 1.83
N GLY C 136 22.56 8.91 2.00
CA GLY C 136 21.42 8.32 1.28
C GLY C 136 21.39 8.59 -0.21
N HIS C 137 22.07 9.65 -0.64
CA HIS C 137 22.04 10.08 -2.03
C HIS C 137 22.75 9.07 -2.96
N PRO C 138 22.13 8.73 -4.12
CA PRO C 138 22.72 7.72 -5.03
C PRO C 138 24.05 8.10 -5.70
N LEU C 139 24.07 9.26 -6.35
CA LEU C 139 25.28 9.80 -6.97
C LEU C 139 26.43 10.06 -5.97
N ALA C 140 26.08 10.32 -4.71
CA ALA C 140 27.07 10.57 -3.65
C ALA C 140 27.78 9.29 -3.21
N GLN C 141 27.04 8.17 -3.15
CA GLN C 141 27.59 6.87 -2.73
C GLN C 141 28.71 6.33 -3.63
N ASN C 142 28.69 6.65 -4.91
CA ASN C 142 29.81 6.32 -5.82
C ASN C 142 31.12 6.96 -5.38
N GLU C 143 31.08 8.25 -5.01
CA GLU C 143 32.29 9.06 -4.80
C GLU C 143 33.13 8.55 -3.61
N ARG C 144 34.44 8.47 -3.81
CA ARG C 144 35.35 7.87 -2.82
C ARG C 144 35.38 8.65 -1.49
N CYS C 145 35.19 9.97 -1.55
CA CYS C 145 35.26 10.82 -0.35
C CYS C 145 34.26 10.44 0.76
N LEU C 146 33.07 9.98 0.38
CA LEU C 146 32.03 9.62 1.35
C LEU C 146 32.40 8.38 2.16
N HIS C 147 32.96 7.38 1.49
CA HIS C 147 33.40 6.15 2.18
C HIS C 147 34.61 6.42 3.06
N MET C 148 35.57 7.15 2.50
CA MET C 148 36.74 7.66 3.22
C MET C 148 36.31 8.30 4.55
N PHE C 149 35.31 9.17 4.49
CA PHE C 149 34.79 9.89 5.66
C PHE C 149 34.10 8.98 6.68
N LEU C 150 33.22 8.11 6.21
CA LEU C 150 32.37 7.29 7.11
C LEU C 150 33.09 6.08 7.72
N GLN C 151 34.03 5.49 6.97
CA GLN C 151 34.56 4.16 7.30
C GLN C 151 36.08 3.97 7.35
N ASP C 152 36.88 4.95 6.92
CA ASP C 152 38.32 4.97 7.22
C ASP C 152 38.52 5.70 8.54
N GLU C 153 39.39 5.19 9.41
CA GLU C 153 39.57 5.76 10.75
C GLU C 153 40.20 7.15 10.73
N ILE C 154 41.02 7.44 9.73
CA ILE C 154 41.53 8.80 9.48
C ILE C 154 41.39 9.16 8.00
N ILE C 155 41.06 10.41 7.72
CA ILE C 155 40.88 10.88 6.34
C ILE C 155 42.22 11.25 5.74
N ASP C 156 42.46 10.87 4.49
CA ASP C 156 43.70 11.18 3.77
C ASP C 156 43.40 12.29 2.76
N LYS C 157 43.59 13.54 3.20
CA LYS C 157 43.25 14.70 2.36
C LYS C 157 44.07 14.80 1.07
N SER C 158 45.33 14.35 1.11
CA SER C 158 46.16 14.23 -0.09
C SER C 158 45.83 12.92 -0.82
N TYR C 159 44.70 12.94 -1.53
CA TYR C 159 44.18 11.78 -2.28
C TYR C 159 43.75 12.23 -3.67
N THR C 160 43.64 11.29 -4.60
CA THR C 160 43.11 11.55 -5.94
C THR C 160 41.64 11.10 -6.00
N PRO C 161 40.67 12.03 -6.15
CA PRO C 161 39.24 11.66 -6.09
C PRO C 161 38.77 10.73 -7.20
N SER C 162 38.34 9.53 -6.82
CA SER C 162 37.89 8.50 -7.78
C SER C 162 36.39 8.22 -7.70
N LYS C 163 35.88 7.52 -8.71
CA LYS C 163 34.49 7.02 -8.80
C LYS C 163 33.46 8.14 -8.79
N GLN D 7 15.40 23.51 -5.81
CA GLN D 7 15.15 23.20 -4.37
C GLN D 7 15.03 21.67 -4.10
N PRO D 8 14.08 20.95 -4.78
CA PRO D 8 13.97 19.49 -4.61
C PRO D 8 14.61 18.74 -5.79
N GLU D 9 15.58 17.87 -5.51
CA GLU D 9 16.40 17.25 -6.56
C GLU D 9 15.57 16.39 -7.49
N LEU D 10 15.88 16.43 -8.77
CA LEU D 10 15.10 15.73 -9.79
C LEU D 10 16.05 14.93 -10.68
N TYR D 11 16.02 13.60 -10.56
CA TYR D 11 16.92 12.71 -11.31
C TYR D 11 16.23 11.82 -12.33
N LEU D 12 16.60 12.01 -13.59
CA LEU D 12 16.03 11.25 -14.70
C LEU D 12 16.46 9.78 -14.60
N LEU D 13 15.51 8.88 -14.80
CA LEU D 13 15.77 7.45 -14.77
C LEU D 13 16.23 6.99 -16.16
N ASN D 14 17.40 6.35 -16.22
CA ASN D 14 18.03 5.95 -17.48
C ASN D 14 17.61 4.55 -17.90
N THR D 15 17.52 4.31 -19.21
CA THR D 15 17.22 2.98 -19.75
C THR D 15 18.44 2.06 -19.56
N MET D 16 18.17 0.75 -19.43
CA MET D 16 19.20 -0.26 -19.18
C MET D 16 19.39 -1.16 -20.41
#